data_9FZW
#
_entry.id   9FZW
#
_cell.length_a   88.770
_cell.length_b   88.770
_cell.length_c   276.440
_cell.angle_alpha   90.00
_cell.angle_beta   90.00
_cell.angle_gamma   90.00
#
_symmetry.space_group_name_H-M   'P 43 21 2'
#
loop_
_entity.id
_entity.type
_entity.pdbx_description
1 polymer 'Urethanase UMG-SP2'
2 non-polymer GLYCEROL
3 non-polymer 'SULFATE ION'
4 water water
#
_entity_poly.entity_id   1
_entity_poly.type   'polypeptide(L)'
_entity_poly.pdbx_seq_one_letter_code
;GAMSELSAIETAAAIAGGSMTALEACDAAIARIEQRDGPINAVVVRDFDRARDAAKAADAEIAAAVRKPLLGVPMTIKES
FDIAGLPTSWGFAEHADHIATADSLVVSRLKAAGAVFLGKSNIPVGLADWQSVNPNYGRTNNPHDHSRSAGGSSGGAAAA
LAAGMVPLEYGSDIGGSIRVPAHFCGVWGLKTTFDAVSLEGHYFPRTDSAKADLSVVGPMARTPADLALALDITSKVPLP
QSRIANLSGLRILLLTAHPETVADSATISAVERAAAACEASGATVATSSPDLPDLSALVADYTRMLLVVLARGLAPEGTE
PVSLNAWYAMLDDQARMMRAFDRLFESFDAIFCPVLGTTAFAHSDEPDWAKRSLSIDGGIAPFAAQLGWISMATYGGMPA
LSMPLGADGNGLPINLQIITRNWSDHDAIRIGALVAEALDR
;
_entity_poly.pdbx_strand_id   A,B
#
loop_
_chem_comp.id
_chem_comp.type
_chem_comp.name
_chem_comp.formula
GOL non-polymer GLYCEROL 'C3 H8 O3'
SO4 non-polymer 'SULFATE ION' 'O4 S -2'
#
# COMPACT_ATOMS: atom_id res chain seq x y z
N ALA A 2 16.86 36.85 2.23
CA ALA A 2 18.02 37.62 1.74
C ALA A 2 19.06 36.70 1.13
N MET A 3 19.63 35.83 1.96
CA MET A 3 20.56 34.81 1.51
C MET A 3 19.79 33.58 1.08
N SER A 4 19.98 33.15 -0.17
CA SER A 4 19.15 32.12 -0.77
C SER A 4 20.02 31.13 -1.52
N GLU A 5 19.56 29.88 -1.54
CA GLU A 5 20.24 28.81 -2.26
C GLU A 5 19.31 28.26 -3.33
N LEU A 6 19.90 27.55 -4.29
CA LEU A 6 19.12 26.92 -5.33
C LEU A 6 18.34 25.74 -4.77
N SER A 7 17.12 25.56 -5.29
CA SER A 7 16.33 24.39 -4.91
C SER A 7 16.81 23.18 -5.71
N ALA A 8 16.24 22.02 -5.41
CA ALA A 8 16.63 20.81 -6.12
C ALA A 8 16.24 20.88 -7.59
N ILE A 9 15.04 21.39 -7.87
CA ILE A 9 14.61 21.55 -9.27
C ILE A 9 15.42 22.65 -9.94
N GLU A 10 15.68 23.75 -9.22
CA GLU A 10 16.47 24.84 -9.80
C GLU A 10 17.89 24.39 -10.12
N THR A 11 18.48 23.56 -9.27
CA THR A 11 19.82 23.06 -9.53
C THR A 11 19.85 22.19 -10.77
N ALA A 12 18.87 21.29 -10.93
CA ALA A 12 18.82 20.43 -12.10
C ALA A 12 18.58 21.23 -13.37
N ALA A 13 17.83 22.33 -13.29
CA ALA A 13 17.59 23.16 -14.46
C ALA A 13 18.87 23.90 -14.86
N ALA A 14 19.67 24.32 -13.88
CA ALA A 14 20.92 25.00 -14.19
C ALA A 14 21.96 24.05 -14.76
N ILE A 15 21.93 22.78 -14.35
CA ILE A 15 22.87 21.81 -14.89
C ILE A 15 22.46 21.41 -16.30
N ALA A 16 21.15 21.26 -16.54
CA ALA A 16 20.68 20.86 -17.86
C ALA A 16 20.77 22.01 -18.86
N GLY A 17 20.74 23.26 -18.39
CA GLY A 17 20.87 24.39 -19.28
C GLY A 17 22.32 24.73 -19.58
N GLY A 18 23.19 24.54 -18.59
CA GLY A 18 24.60 24.86 -18.71
C GLY A 18 25.06 25.98 -17.83
N SER A 19 24.17 26.57 -17.02
CA SER A 19 24.59 27.60 -16.06
C SER A 19 25.71 27.10 -15.17
N MET A 20 25.66 25.84 -14.79
CA MET A 20 26.68 25.23 -13.96
C MET A 20 26.75 23.75 -14.29
N THR A 21 27.83 23.10 -13.86
CA THR A 21 27.99 21.67 -14.06
C THR A 21 27.60 20.92 -12.79
N ALA A 22 27.50 19.60 -12.92
CA ALA A 22 27.16 18.78 -11.76
C ALA A 22 28.29 18.78 -10.74
N LEU A 23 29.53 18.79 -11.22
CA LEU A 23 30.68 18.88 -10.32
C LEU A 23 30.74 20.24 -9.63
N GLU A 24 30.33 21.31 -10.32
CA GLU A 24 30.28 22.62 -9.68
C GLU A 24 29.22 22.66 -8.59
N ALA A 25 28.07 22.04 -8.84
CA ALA A 25 27.02 22.01 -7.82
C ALA A 25 27.42 21.12 -6.66
N CYS A 26 28.10 20.00 -6.94
CA CYS A 26 28.61 19.16 -5.87
C CYS A 26 29.65 19.89 -5.03
N ASP A 27 30.60 20.55 -5.70
CA ASP A 27 31.66 21.26 -4.98
C ASP A 27 31.12 22.47 -4.25
N ALA A 28 30.05 23.09 -4.76
CA ALA A 28 29.47 24.24 -4.08
C ALA A 28 28.77 23.80 -2.79
N ALA A 29 28.14 22.62 -2.81
CA ALA A 29 27.50 22.12 -1.60
C ALA A 29 28.55 21.62 -0.60
N ILE A 30 29.62 20.99 -1.10
CA ILE A 30 30.73 20.60 -0.23
C ILE A 30 31.30 21.82 0.48
N ALA A 31 31.36 22.96 -0.23
CA ALA A 31 31.85 24.18 0.38
C ALA A 31 30.89 24.68 1.46
N ARG A 32 29.60 24.72 1.16
CA ARG A 32 28.62 25.17 2.14
C ARG A 32 28.60 24.28 3.37
N ILE A 33 28.85 22.97 3.21
CA ILE A 33 28.88 22.08 4.36
C ILE A 33 30.11 22.36 5.21
N GLU A 34 31.28 22.43 4.58
CA GLU A 34 32.51 22.68 5.31
C GLU A 34 32.55 24.07 5.93
N GLN A 35 31.75 25.01 5.41
CA GLN A 35 31.73 26.37 5.91
C GLN A 35 30.70 26.59 7.01
N ARG A 36 29.59 25.85 7.00
CA ARG A 36 28.47 26.13 7.89
C ARG A 36 28.18 25.04 8.90
N ASP A 37 28.67 23.82 8.68
CA ASP A 37 28.33 22.71 9.56
C ASP A 37 29.18 22.69 10.84
N GLY A 38 30.06 23.68 11.01
CA GLY A 38 30.89 23.75 12.19
C GLY A 38 30.10 23.87 13.47
N PRO A 39 29.31 24.93 13.60
CA PRO A 39 28.45 25.09 14.78
C PRO A 39 27.15 24.31 14.73
N ILE A 40 26.85 23.61 13.64
CA ILE A 40 25.57 22.95 13.47
C ILE A 40 25.69 21.44 13.63
N ASN A 41 26.75 20.83 13.08
CA ASN A 41 27.00 19.39 13.17
C ASN A 41 25.79 18.60 12.68
N ALA A 42 25.50 18.75 11.38
CA ALA A 42 24.40 18.04 10.74
C ALA A 42 24.87 16.96 9.76
N VAL A 43 25.80 17.31 8.87
CA VAL A 43 26.32 16.34 7.89
C VAL A 43 27.46 15.60 8.59
N VAL A 44 27.09 14.55 9.34
CA VAL A 44 28.05 13.86 10.18
C VAL A 44 28.76 12.70 9.48
N VAL A 45 28.17 12.18 8.40
CA VAL A 45 28.81 11.17 7.56
C VAL A 45 29.03 11.82 6.21
N ARG A 46 30.29 11.83 5.75
CA ARG A 46 30.67 12.53 4.54
C ARG A 46 31.32 11.59 3.55
N ASP A 47 30.89 11.66 2.30
CA ASP A 47 31.38 10.82 1.21
C ASP A 47 31.72 11.71 0.00
N PHE A 48 32.47 12.78 0.27
CA PHE A 48 32.68 13.81 -0.75
C PHE A 48 33.49 13.31 -1.93
N ASP A 49 34.46 12.42 -1.69
CA ASP A 49 35.29 11.93 -2.79
C ASP A 49 34.45 11.15 -3.80
N ARG A 50 33.66 10.18 -3.32
CA ARG A 50 32.81 9.41 -4.21
C ARG A 50 31.67 10.26 -4.78
N ALA A 51 31.31 11.34 -4.08
CA ALA A 51 30.26 12.22 -4.60
C ALA A 51 30.77 13.04 -5.78
N ARG A 52 32.03 13.49 -5.73
CA ARG A 52 32.60 14.21 -6.86
C ARG A 52 32.73 13.30 -8.08
N ASP A 53 32.97 12.00 -7.85
CA ASP A 53 33.05 11.07 -8.98
C ASP A 53 31.68 10.83 -9.61
N ALA A 54 30.61 10.87 -8.81
CA ALA A 54 29.28 10.71 -9.36
C ALA A 54 28.81 11.98 -10.08
N ALA A 55 29.26 13.14 -9.62
CA ALA A 55 28.93 14.38 -10.33
C ALA A 55 29.64 14.46 -11.67
N LYS A 56 30.89 13.99 -11.73
CA LYS A 56 31.60 13.94 -13.00
C LYS A 56 30.94 12.98 -13.98
N ALA A 57 30.32 11.91 -13.46
CA ALA A 57 29.59 11.00 -14.31
C ALA A 57 28.25 11.59 -14.75
N ALA A 58 27.64 12.43 -13.90
CA ALA A 58 26.39 13.09 -14.28
C ALA A 58 26.61 14.09 -15.39
N ASP A 59 27.73 14.82 -15.35
CA ASP A 59 28.05 15.75 -16.43
C ASP A 59 28.32 15.00 -17.74
N ALA A 60 28.80 13.76 -17.65
CA ALA A 60 28.97 12.96 -18.86
C ALA A 60 27.63 12.60 -19.47
N GLU A 61 26.64 12.29 -18.62
CA GLU A 61 25.29 12.06 -19.11
C GLU A 61 24.68 13.35 -19.65
N ILE A 62 24.89 14.47 -18.96
CA ILE A 62 24.40 15.75 -19.46
C ILE A 62 25.01 16.05 -20.83
N ALA A 63 26.29 15.75 -21.00
CA ALA A 63 26.94 15.94 -22.30
C ALA A 63 26.49 14.92 -23.32
N ALA A 64 26.02 13.75 -22.87
CA ALA A 64 25.43 12.75 -23.75
C ALA A 64 23.95 13.00 -23.99
N ALA A 65 23.48 14.22 -23.72
CA ALA A 65 22.09 14.65 -23.89
C ALA A 65 21.11 13.93 -22.98
N VAL A 66 21.61 13.14 -22.02
CA VAL A 66 20.72 12.50 -21.05
C VAL A 66 20.19 13.55 -20.09
N ARG A 67 18.88 13.50 -19.83
CA ARG A 67 18.22 14.44 -18.93
C ARG A 67 17.36 13.64 -17.96
N LYS A 68 17.63 13.80 -16.67
CA LYS A 68 16.88 13.17 -15.59
C LYS A 68 16.44 14.24 -14.60
N PRO A 69 15.34 14.02 -13.87
CA PRO A 69 14.76 15.10 -13.07
C PRO A 69 15.67 15.65 -11.98
N LEU A 70 16.61 14.84 -11.47
CA LEU A 70 17.52 15.30 -10.43
C LEU A 70 18.98 15.09 -10.82
N LEU A 71 19.27 15.09 -12.12
CA LEU A 71 20.60 14.75 -12.59
C LEU A 71 21.61 15.80 -12.14
N GLY A 72 22.56 15.39 -11.29
CA GLY A 72 23.58 16.27 -10.79
C GLY A 72 23.23 17.03 -9.54
N VAL A 73 22.02 16.87 -9.02
CA VAL A 73 21.58 17.61 -7.85
C VAL A 73 22.24 17.01 -6.61
N PRO A 74 23.05 17.76 -5.88
CA PRO A 74 23.66 17.22 -4.66
C PRO A 74 22.68 17.23 -3.50
N MET A 75 22.73 16.18 -2.68
CA MET A 75 21.83 16.06 -1.55
C MET A 75 22.48 15.17 -0.50
N THR A 76 21.83 15.11 0.67
CA THR A 76 22.17 14.19 1.74
C THR A 76 20.90 13.44 2.13
N ILE A 77 21.06 12.39 2.93
CA ILE A 77 19.92 11.63 3.43
C ILE A 77 20.14 11.33 4.91
N LYS A 78 19.04 11.09 5.61
CA LYS A 78 19.10 10.75 7.01
C LYS A 78 19.98 9.52 7.22
N GLU A 79 20.78 9.54 8.29
CA GLU A 79 21.78 8.49 8.49
C GLU A 79 21.17 7.11 8.65
N SER A 80 19.89 7.02 9.02
CA SER A 80 19.25 5.72 9.17
C SER A 80 19.04 5.00 7.84
N PHE A 81 19.11 5.71 6.72
CA PHE A 81 18.99 5.08 5.41
C PHE A 81 20.33 4.48 5.00
N ASP A 82 20.28 3.33 4.33
CA ASP A 82 21.49 2.65 3.92
C ASP A 82 22.06 3.26 2.65
N ILE A 83 23.38 3.43 2.63
CA ILE A 83 24.13 3.76 1.42
C ILE A 83 25.34 2.85 1.37
N ALA A 84 25.50 2.15 0.25
CA ALA A 84 26.60 1.20 0.12
C ALA A 84 27.94 1.91 0.31
N GLY A 85 28.78 1.34 1.17
CA GLY A 85 30.06 1.91 1.50
C GLY A 85 30.04 2.83 2.70
N LEU A 86 28.87 3.30 3.12
CA LEU A 86 28.69 4.22 4.23
C LEU A 86 28.14 3.50 5.45
N PRO A 87 28.42 3.98 6.66
CA PRO A 87 27.91 3.32 7.86
C PRO A 87 26.44 3.65 8.09
N THR A 88 25.76 2.72 8.77
CA THR A 88 24.41 2.95 9.27
C THR A 88 24.40 2.50 10.73
N SER A 89 24.31 3.46 11.65
CA SER A 89 24.47 3.19 13.07
C SER A 89 23.24 3.52 13.90
N TRP A 90 22.32 4.36 13.40
CA TRP A 90 21.18 4.84 14.17
C TRP A 90 21.61 5.49 15.48
N GLY A 91 22.88 5.90 15.56
CA GLY A 91 23.40 6.54 16.74
C GLY A 91 24.04 5.61 17.74
N PHE A 92 23.93 4.31 17.56
CA PHE A 92 24.50 3.36 18.51
C PHE A 92 26.01 3.28 18.30
N ALA A 93 26.76 3.32 19.41
CA ALA A 93 28.20 3.16 19.33
C ALA A 93 28.58 1.75 18.89
N GLU A 94 27.77 0.76 19.27
CA GLU A 94 28.01 -0.63 18.88
C GLU A 94 27.88 -0.83 17.39
N HIS A 95 27.20 0.10 16.69
CA HIS A 95 26.88 -0.07 15.28
C HIS A 95 27.56 0.99 14.41
N ALA A 96 28.62 1.63 14.92
CA ALA A 96 29.30 2.66 14.16
C ALA A 96 30.16 2.08 13.05
N ASP A 97 30.60 0.84 13.17
CA ASP A 97 31.39 0.18 12.15
C ASP A 97 30.55 -0.72 11.25
N HIS A 98 29.22 -0.60 11.31
CA HIS A 98 28.34 -1.34 10.42
C HIS A 98 28.24 -0.59 9.10
N ILE A 99 28.91 -1.11 8.07
CA ILE A 99 28.90 -0.50 6.75
C ILE A 99 27.92 -1.24 5.87
N ALA A 100 27.00 -0.51 5.23
CA ALA A 100 26.00 -1.13 4.39
C ALA A 100 26.62 -1.61 3.08
N THR A 101 26.14 -2.75 2.59
CA THR A 101 26.63 -3.30 1.34
C THR A 101 25.79 -2.90 0.14
N ALA A 102 24.59 -2.38 0.35
CA ALA A 102 23.70 -2.01 -0.74
C ALA A 102 22.96 -0.74 -0.39
N ASP A 103 22.60 0.02 -1.41
CA ASP A 103 21.84 1.25 -1.22
C ASP A 103 20.40 0.93 -0.82
N SER A 104 19.79 1.87 -0.10
CA SER A 104 18.38 1.73 0.24
C SER A 104 17.52 2.05 -0.98
N LEU A 105 16.24 1.66 -0.90
CA LEU A 105 15.34 1.86 -2.03
C LEU A 105 15.20 3.34 -2.36
N VAL A 106 15.01 4.18 -1.33
CA VAL A 106 14.89 5.61 -1.55
C VAL A 106 16.15 6.16 -2.19
N VAL A 107 17.32 5.68 -1.76
CA VAL A 107 18.58 6.12 -2.35
C VAL A 107 18.69 5.63 -3.79
N SER A 108 18.32 4.39 -4.05
CA SER A 108 18.33 3.87 -5.42
C SER A 108 17.42 4.70 -6.32
N ARG A 109 16.21 5.00 -5.85
CA ARG A 109 15.27 5.78 -6.66
C ARG A 109 15.83 7.17 -6.97
N LEU A 110 16.39 7.83 -5.95
CA LEU A 110 16.90 9.19 -6.16
C LEU A 110 18.16 9.17 -7.01
N LYS A 111 19.05 8.20 -6.79
CA LYS A 111 20.22 8.06 -7.65
C LYS A 111 19.81 7.78 -9.09
N ALA A 112 18.76 6.97 -9.28
CA ALA A 112 18.28 6.68 -10.63
C ALA A 112 17.73 7.92 -11.30
N ALA A 113 17.25 8.89 -10.51
CA ALA A 113 16.85 10.18 -11.05
C ALA A 113 18.02 11.14 -11.24
N GLY A 114 19.24 10.71 -10.87
CA GLY A 114 20.44 11.48 -11.14
C GLY A 114 21.02 12.18 -9.93
N ALA A 115 20.44 12.00 -8.75
CA ALA A 115 20.88 12.71 -7.56
C ALA A 115 22.25 12.21 -7.12
N VAL A 116 23.04 13.11 -6.54
CA VAL A 116 24.35 12.80 -5.99
C VAL A 116 24.28 12.94 -4.48
N PHE A 117 24.66 11.88 -3.76
CA PHE A 117 24.61 11.86 -2.31
C PHE A 117 25.99 12.20 -1.76
N LEU A 118 26.08 13.36 -1.08
CA LEU A 118 27.34 13.80 -0.49
C LEU A 118 27.61 13.16 0.86
N GLY A 119 26.56 12.74 1.57
CA GLY A 119 26.73 12.13 2.87
C GLY A 119 25.39 11.93 3.54
N LYS A 120 25.43 11.72 4.85
CA LYS A 120 24.22 11.41 5.61
C LYS A 120 24.13 12.30 6.84
N SER A 121 22.89 12.63 7.22
CA SER A 121 22.60 13.62 8.25
C SER A 121 22.37 12.97 9.61
N ASN A 122 22.67 13.73 10.66
CA ASN A 122 22.74 13.22 12.02
C ASN A 122 21.37 12.79 12.54
N ILE A 123 21.40 11.96 13.59
CA ILE A 123 20.20 11.35 14.17
C ILE A 123 20.42 11.16 15.66
N PRO A 124 19.35 11.00 16.45
CA PRO A 124 19.51 10.57 17.84
C PRO A 124 19.70 9.06 17.92
N VAL A 125 20.05 8.59 19.12
CA VAL A 125 20.27 7.18 19.34
C VAL A 125 18.96 6.44 19.16
N GLY A 126 18.94 5.45 18.26
CA GLY A 126 17.74 4.68 18.01
C GLY A 126 16.62 5.44 17.35
N LEU A 127 16.90 6.61 16.78
CA LEU A 127 15.88 7.46 16.15
C LEU A 127 14.72 7.72 17.11
N ALA A 128 15.02 7.81 18.40
CA ALA A 128 14.01 7.80 19.45
C ALA A 128 14.02 9.07 20.27
N ASP A 129 14.13 10.22 19.60
CA ASP A 129 14.07 11.49 20.31
C ASP A 129 13.71 12.59 19.33
N TRP A 130 13.15 13.68 19.86
CA TRP A 130 12.97 14.90 19.10
C TRP A 130 14.20 15.80 19.16
N GLN A 131 15.37 15.20 19.30
CA GLN A 131 16.68 15.83 19.22
C GLN A 131 17.53 14.99 18.27
N SER A 132 18.75 15.45 17.99
CA SER A 132 19.70 14.70 17.16
C SER A 132 21.04 14.69 17.87
N VAL A 133 21.26 13.66 18.69
CA VAL A 133 22.48 13.55 19.48
C VAL A 133 22.77 12.07 19.70
N ASN A 134 24.04 11.69 19.52
CA ASN A 134 24.46 10.30 19.64
C ASN A 134 25.95 10.28 19.96
N PRO A 135 26.45 9.20 20.55
CA PRO A 135 27.88 9.14 20.90
C PRO A 135 28.82 9.00 19.70
N ASN A 136 28.31 8.74 18.50
CA ASN A 136 29.19 8.56 17.35
C ASN A 136 29.50 9.86 16.63
N TYR A 137 28.59 10.83 16.68
CA TYR A 137 28.72 12.01 15.83
C TYR A 137 28.60 13.30 16.64
N GLY A 138 27.90 13.24 17.77
CA GLY A 138 27.71 14.42 18.58
C GLY A 138 26.28 14.92 18.53
N ARG A 139 26.09 16.22 18.74
CA ARG A 139 24.77 16.83 18.80
C ARG A 139 24.59 17.81 17.65
N THR A 140 23.41 17.81 17.06
CA THR A 140 23.07 18.78 16.02
C THR A 140 22.36 19.98 16.63
N ASN A 141 22.74 21.17 16.20
CA ASN A 141 22.22 22.40 16.76
C ASN A 141 21.36 23.13 15.73
N ASN A 142 20.29 23.74 16.21
CA ASN A 142 19.35 24.44 15.34
C ASN A 142 20.04 25.61 14.66
N PRO A 143 19.99 25.71 13.32
CA PRO A 143 20.64 26.82 12.64
C PRO A 143 20.05 28.19 12.97
N HIS A 144 18.86 28.24 13.56
CA HIS A 144 18.26 29.51 13.95
C HIS A 144 18.65 29.93 15.35
N ASP A 145 19.06 28.99 16.20
CA ASP A 145 19.53 29.30 17.55
C ASP A 145 20.29 28.07 18.03
N HIS A 146 21.63 28.17 18.05
CA HIS A 146 22.48 27.01 18.35
C HIS A 146 22.25 26.46 19.75
N SER A 147 21.50 27.16 20.59
CA SER A 147 21.20 26.67 21.93
C SER A 147 19.96 25.78 21.96
N ARG A 148 19.21 25.72 20.87
CA ARG A 148 17.97 24.95 20.82
C ARG A 148 18.16 23.72 19.95
N SER A 149 17.30 22.73 20.17
CA SER A 149 17.38 21.48 19.43
C SER A 149 17.02 21.69 17.96
N ALA A 150 17.69 20.94 17.09
CA ALA A 150 17.34 20.91 15.69
C ALA A 150 16.16 19.99 15.39
N GLY A 151 15.71 19.22 16.37
CA GLY A 151 14.64 18.26 16.16
C GLY A 151 15.15 16.85 16.01
N GLY A 152 14.20 15.93 15.85
CA GLY A 152 14.52 14.53 15.71
C GLY A 152 13.29 13.76 15.29
N SER A 153 13.54 12.59 14.69
CA SER A 153 14.88 12.01 14.58
C SER A 153 15.61 12.48 13.34
N SER A 154 14.90 13.17 12.44
CA SER A 154 15.51 13.67 11.21
C SER A 154 15.99 15.10 11.39
N GLY A 155 16.67 15.35 12.51
CA GLY A 155 17.09 16.69 12.85
C GLY A 155 18.26 17.17 12.02
N GLY A 156 19.26 16.32 11.83
CA GLY A 156 20.37 16.66 10.97
C GLY A 156 19.92 16.96 9.56
N ALA A 157 18.86 16.30 9.10
CA ALA A 157 18.32 16.57 7.78
C ALA A 157 17.70 17.96 7.71
N ALA A 158 16.87 18.29 8.71
CA ALA A 158 16.22 19.60 8.71
C ALA A 158 17.22 20.72 8.91
N ALA A 159 18.28 20.48 9.68
CA ALA A 159 19.27 21.52 9.93
C ALA A 159 20.11 21.79 8.68
N ALA A 160 20.49 20.73 7.95
CA ALA A 160 21.23 20.92 6.71
C ALA A 160 20.40 21.70 5.70
N LEU A 161 19.09 21.47 5.66
CA LEU A 161 18.22 22.19 4.74
C LEU A 161 18.11 23.66 5.14
N ALA A 162 17.88 23.93 6.42
CA ALA A 162 17.68 25.30 6.87
C ALA A 162 18.95 26.13 6.73
N ALA A 163 20.12 25.50 6.83
CA ALA A 163 21.38 26.21 6.66
C ALA A 163 21.79 26.35 5.20
N GLY A 164 21.02 25.78 4.27
CA GLY A 164 21.30 25.94 2.86
C GLY A 164 22.38 25.04 2.32
N MET A 165 22.77 24.00 3.06
CA MET A 165 23.85 23.13 2.61
C MET A 165 23.41 22.32 1.39
N VAL A 166 22.28 21.64 1.49
CA VAL A 166 21.74 20.82 0.41
C VAL A 166 20.29 21.21 0.17
N PRO A 167 19.78 21.12 -1.07
CA PRO A 167 18.39 21.51 -1.34
C PRO A 167 17.37 20.41 -1.10
N LEU A 168 17.80 19.16 -0.88
CA LEU A 168 16.88 18.05 -0.73
C LEU A 168 17.40 17.08 0.32
N GLU A 169 16.46 16.44 1.02
CA GLU A 169 16.78 15.47 2.06
C GLU A 169 15.63 14.48 2.15
N TYR A 170 15.81 13.45 2.95
CA TYR A 170 14.80 12.42 3.14
C TYR A 170 14.91 11.89 4.56
N GLY A 171 13.77 11.81 5.26
CA GLY A 171 13.79 11.34 6.64
C GLY A 171 12.75 10.28 6.93
N SER A 172 12.61 9.92 8.20
CA SER A 172 11.64 8.92 8.63
C SER A 172 10.81 9.48 9.78
N ASP A 173 9.62 8.90 9.97
CA ASP A 173 8.67 9.43 10.95
C ASP A 173 7.85 8.29 11.52
N ILE A 174 7.99 8.06 12.81
CA ILE A 174 7.11 7.16 13.55
C ILE A 174 6.42 7.84 14.72
N GLY A 175 6.88 9.04 15.08
CA GLY A 175 6.29 9.82 16.15
C GLY A 175 6.57 11.29 15.94
N GLY A 176 6.48 11.73 14.68
CA GLY A 176 6.74 13.10 14.32
C GLY A 176 8.15 13.36 13.83
N SER A 177 8.96 12.31 13.67
CA SER A 177 10.38 12.42 13.37
C SER A 177 10.69 13.05 12.02
N ILE A 178 9.68 13.43 11.25
CA ILE A 178 9.85 14.26 10.06
C ILE A 178 9.23 15.63 10.25
N ARG A 179 8.04 15.68 10.86
CA ARG A 179 7.34 16.95 11.00
C ARG A 179 7.97 17.83 12.07
N VAL A 180 8.35 17.23 13.20
CA VAL A 180 8.99 17.99 14.27
C VAL A 180 10.33 18.59 13.84
N PRO A 181 11.25 17.83 13.22
CA PRO A 181 12.50 18.47 12.76
C PRO A 181 12.28 19.60 11.78
N ALA A 182 11.35 19.43 10.84
CA ALA A 182 11.06 20.50 9.89
C ALA A 182 10.38 21.68 10.60
N HIS A 183 9.60 21.38 11.63
CA HIS A 183 8.98 22.45 12.43
C HIS A 183 10.04 23.25 13.18
N PHE A 184 11.00 22.56 13.81
CA PHE A 184 12.01 23.24 14.61
C PHE A 184 12.96 24.07 13.76
N CYS A 185 13.24 23.63 12.54
CA CYS A 185 14.19 24.31 11.67
C CYS A 185 13.52 25.14 10.59
N GLY A 186 12.20 25.18 10.56
CA GLY A 186 11.48 26.00 9.59
C GLY A 186 11.72 25.58 8.15
N VAL A 187 11.61 24.29 7.87
CA VAL A 187 11.74 23.77 6.51
C VAL A 187 10.50 22.95 6.18
N TRP A 188 10.51 22.33 5.01
CA TRP A 188 9.38 21.57 4.51
C TRP A 188 9.64 20.09 4.70
N GLY A 189 8.70 19.41 5.36
CA GLY A 189 8.80 17.97 5.55
C GLY A 189 7.45 17.31 5.40
N LEU A 190 7.38 16.25 4.61
CA LEU A 190 6.12 15.56 4.32
C LEU A 190 6.17 14.17 4.96
N LYS A 191 5.35 13.98 5.99
CA LYS A 191 5.04 12.63 6.48
C LYS A 191 4.06 12.00 5.49
N THR A 192 4.50 10.94 4.81
CA THR A 192 3.71 10.37 3.73
C THR A 192 2.67 9.41 4.28
N THR A 193 1.76 8.98 3.39
CA THR A 193 0.78 7.97 3.73
C THR A 193 1.49 6.66 4.09
N PHE A 194 0.90 5.93 5.04
CA PHE A 194 1.49 4.68 5.47
C PHE A 194 1.48 3.66 4.34
N ASP A 195 2.63 2.99 4.14
CA ASP A 195 2.83 1.96 3.12
C ASP A 195 2.90 2.53 1.71
N ALA A 196 3.10 3.83 1.57
CA ALA A 196 3.18 4.44 0.24
C ALA A 196 4.61 4.47 -0.28
N VAL A 197 5.60 4.55 0.58
CA VAL A 197 7.01 4.51 0.20
C VAL A 197 7.67 3.34 0.90
N SER A 198 8.57 2.65 0.19
CA SER A 198 9.22 1.47 0.72
C SER A 198 10.30 1.84 1.73
N LEU A 199 10.37 1.08 2.82
CA LEU A 199 11.38 1.26 3.85
C LEU A 199 12.56 0.30 3.68
N GLU A 200 12.72 -0.29 2.51
CA GLU A 200 13.84 -1.20 2.26
C GLU A 200 15.14 -0.42 2.29
N GLY A 201 16.04 -0.80 3.20
CA GLY A 201 17.29 -0.10 3.43
C GLY A 201 17.29 0.73 4.69
N HIS A 202 16.11 1.18 5.13
CA HIS A 202 15.97 1.83 6.44
C HIS A 202 15.94 0.76 7.54
N TYR A 203 16.99 -0.06 7.54
CA TYR A 203 17.09 -1.22 8.41
C TYR A 203 17.71 -0.83 9.74
N PHE A 204 17.26 -1.49 10.79
CA PHE A 204 18.02 -1.41 12.04
C PHE A 204 19.41 -1.95 11.77
N PRO A 205 20.45 -1.32 12.33
CA PRO A 205 21.82 -1.71 11.98
C PRO A 205 22.07 -3.20 12.16
N ARG A 206 22.70 -3.80 11.15
CA ARG A 206 23.11 -5.20 11.13
C ARG A 206 21.93 -6.16 11.03
N THR A 207 20.80 -5.70 10.49
CA THR A 207 19.64 -6.53 10.23
C THR A 207 19.11 -6.19 8.84
N ASP A 208 18.03 -6.87 8.46
CA ASP A 208 17.25 -6.51 7.27
C ASP A 208 15.82 -6.15 7.66
N SER A 209 15.61 -5.79 8.93
CA SER A 209 14.29 -5.52 9.46
C SER A 209 13.97 -4.04 9.37
N ALA A 210 12.86 -3.72 8.71
CA ALA A 210 12.29 -2.38 8.70
C ALA A 210 10.93 -2.42 9.38
N LYS A 211 10.55 -1.31 10.01
CA LYS A 211 9.28 -1.27 10.72
C LYS A 211 8.12 -1.47 9.75
N ALA A 212 7.18 -2.33 10.14
CA ALA A 212 6.02 -2.64 9.31
C ALA A 212 4.76 -1.96 9.81
N ASP A 213 4.88 -1.06 10.79
CA ASP A 213 3.72 -0.40 11.37
C ASP A 213 4.10 1.02 11.76
N LEU A 214 3.17 1.95 11.56
CA LEU A 214 3.27 3.33 12.02
C LEU A 214 4.33 4.15 11.27
N SER A 215 5.50 3.58 11.04
CA SER A 215 6.62 4.34 10.50
C SER A 215 6.46 4.59 9.01
N VAL A 216 6.85 5.78 8.57
CA VAL A 216 6.82 6.17 7.17
C VAL A 216 8.09 6.94 6.84
N VAL A 217 8.46 6.91 5.56
CA VAL A 217 9.58 7.70 5.05
C VAL A 217 9.04 8.69 4.03
N GLY A 218 9.59 9.90 4.04
CA GLY A 218 9.11 10.94 3.17
C GLY A 218 10.18 11.98 2.87
N PRO A 219 9.93 12.82 1.87
CA PRO A 219 10.93 13.82 1.47
C PRO A 219 10.95 15.02 2.40
N MET A 220 12.11 15.65 2.46
CA MET A 220 12.32 16.89 3.21
C MET A 220 13.05 17.87 2.30
N ALA A 221 12.56 19.10 2.22
CA ALA A 221 13.16 20.09 1.34
C ALA A 221 12.83 21.49 1.84
N ARG A 222 13.05 22.50 1.00
CA ARG A 222 12.67 23.87 1.30
C ARG A 222 11.60 24.42 0.38
N THR A 223 11.23 23.70 -0.67
CA THR A 223 10.14 24.10 -1.55
C THR A 223 9.15 22.95 -1.67
N PRO A 224 7.85 23.25 -1.73
CA PRO A 224 6.87 22.17 -1.94
C PRO A 224 7.07 21.45 -3.25
N ALA A 225 7.58 22.12 -4.28
CA ALA A 225 7.80 21.46 -5.57
C ALA A 225 8.90 20.41 -5.48
N ASP A 226 9.93 20.66 -4.67
CA ASP A 226 10.95 19.64 -4.47
C ASP A 226 10.39 18.44 -3.70
N LEU A 227 9.46 18.68 -2.78
CA LEU A 227 8.82 17.56 -2.08
C LEU A 227 7.99 16.73 -3.05
N ALA A 228 7.28 17.38 -3.97
CA ALA A 228 6.39 16.66 -4.88
C ALA A 228 7.20 15.85 -5.88
N LEU A 229 8.32 16.39 -6.36
CA LEU A 229 9.17 15.63 -7.26
C LEU A 229 9.79 14.44 -6.57
N ALA A 230 10.29 14.63 -5.34
CA ALA A 230 10.92 13.53 -4.61
C ALA A 230 9.90 12.45 -4.25
N LEU A 231 8.65 12.83 -3.99
CA LEU A 231 7.61 11.84 -3.71
C LEU A 231 7.34 10.97 -4.93
N ASP A 232 7.25 11.59 -6.12
CA ASP A 232 7.02 10.83 -7.34
C ASP A 232 8.21 9.95 -7.70
N ILE A 233 9.40 10.27 -7.22
CA ILE A 233 10.57 9.46 -7.54
C ILE A 233 10.66 8.25 -6.63
N THR A 234 10.16 8.35 -5.40
CA THR A 234 10.40 7.32 -4.39
C THR A 234 9.18 6.46 -4.05
N SER A 235 7.97 6.89 -4.39
CA SER A 235 6.78 6.12 -4.03
C SER A 235 6.77 4.78 -4.76
N LYS A 236 6.12 3.78 -4.13
CA LYS A 236 6.03 2.45 -4.73
C LYS A 236 5.37 2.51 -6.11
N VAL A 237 4.30 3.28 -6.23
CA VAL A 237 3.66 3.54 -7.53
C VAL A 237 3.42 5.03 -7.63
N PRO A 238 3.31 5.55 -8.86
CA PRO A 238 2.91 6.96 -9.02
C PRO A 238 1.62 7.27 -8.28
N LEU A 239 1.69 8.21 -7.34
CA LEU A 239 0.58 8.56 -6.49
C LEU A 239 -0.30 9.60 -7.18
N PRO A 240 -1.57 9.72 -6.76
CA PRO A 240 -2.48 10.65 -7.44
C PRO A 240 -1.98 12.08 -7.35
N GLN A 241 -1.88 12.73 -8.51
CA GLN A 241 -1.50 14.13 -8.55
C GLN A 241 -2.67 15.00 -8.09
N SER A 242 -2.34 16.19 -7.61
CA SER A 242 -3.34 17.09 -7.07
C SER A 242 -4.05 17.83 -8.19
N ARG A 243 -5.37 17.98 -8.02
CA ARG A 243 -6.20 18.78 -8.91
C ARG A 243 -6.70 20.04 -8.22
N ILE A 244 -6.21 20.33 -7.02
CA ILE A 244 -6.55 21.55 -6.32
C ILE A 244 -5.79 22.71 -6.97
N ALA A 245 -6.53 23.67 -7.52
CA ALA A 245 -5.93 24.79 -8.23
C ALA A 245 -5.85 26.06 -7.38
N ASN A 246 -6.76 26.22 -6.43
CA ASN A 246 -6.74 27.37 -5.53
C ASN A 246 -7.44 26.99 -4.23
N LEU A 247 -7.41 27.91 -3.28
CA LEU A 247 -8.01 27.67 -1.97
C LEU A 247 -9.52 27.90 -1.95
N SER A 248 -10.11 28.41 -3.02
CA SER A 248 -11.54 28.65 -3.03
C SER A 248 -12.30 27.33 -2.99
N GLY A 249 -13.24 27.21 -2.05
CA GLY A 249 -14.00 26.00 -1.88
C GLY A 249 -13.37 24.97 -0.98
N LEU A 250 -12.13 25.18 -0.54
CA LEU A 250 -11.45 24.21 0.30
C LEU A 250 -12.10 24.16 1.69
N ARG A 251 -12.27 22.95 2.20
CA ARG A 251 -12.88 22.72 3.51
C ARG A 251 -11.78 22.39 4.51
N ILE A 252 -11.58 23.28 5.48
CA ILE A 252 -10.47 23.18 6.43
C ILE A 252 -11.04 23.04 7.84
N LEU A 253 -10.55 22.06 8.58
CA LEU A 253 -10.87 21.90 10.00
C LEU A 253 -9.70 22.44 10.82
N LEU A 254 -9.93 23.57 11.49
CA LEU A 254 -8.90 24.23 12.27
C LEU A 254 -8.93 23.72 13.71
N LEU A 255 -7.80 23.21 14.18
CA LEU A 255 -7.66 22.69 15.54
C LEU A 255 -6.48 23.35 16.22
N THR A 256 -6.75 24.13 17.27
CA THR A 256 -5.69 24.76 18.05
C THR A 256 -5.59 24.21 19.46
N ALA A 257 -6.28 23.11 19.77
CA ALA A 257 -6.26 22.51 21.09
C ALA A 257 -6.37 21.00 20.96
N HIS A 258 -5.93 20.30 22.01
CA HIS A 258 -5.94 18.85 22.06
C HIS A 258 -6.31 18.43 23.48
N PRO A 259 -7.12 17.39 23.63
CA PRO A 259 -7.55 16.98 24.97
C PRO A 259 -6.41 16.54 25.87
N GLU A 260 -5.23 16.24 25.33
CA GLU A 260 -4.14 15.68 26.12
C GLU A 260 -2.86 16.50 26.07
N THR A 261 -2.82 17.60 25.31
CA THR A 261 -1.64 18.47 25.29
C THR A 261 -2.09 19.90 25.00
N VAL A 262 -1.12 20.81 24.88
CA VAL A 262 -1.39 22.24 24.75
C VAL A 262 -0.46 22.82 23.68
N ALA A 263 -0.72 24.08 23.34
CA ALA A 263 0.06 24.79 22.34
C ALA A 263 0.34 26.22 22.81
N ASP A 264 1.44 26.78 22.31
CA ASP A 264 1.80 28.16 22.58
C ASP A 264 0.73 29.11 22.07
N SER A 265 0.64 30.29 22.69
CA SER A 265 -0.22 31.33 22.16
C SER A 265 0.28 31.82 20.80
N ALA A 266 1.60 31.92 20.65
CA ALA A 266 2.17 32.26 19.35
C ALA A 266 1.95 31.13 18.33
N THR A 267 1.97 29.89 18.79
CA THR A 267 1.65 28.78 17.91
C THR A 267 0.18 28.80 17.51
N ILE A 268 -0.71 29.02 18.48
CA ILE A 268 -2.14 29.05 18.20
C ILE A 268 -2.49 30.19 17.25
N SER A 269 -1.85 31.35 17.43
CA SER A 269 -2.13 32.48 16.56
C SER A 269 -1.53 32.29 15.18
N ALA A 270 -0.45 31.50 15.07
CA ALA A 270 0.15 31.27 13.77
C ALA A 270 -0.70 30.33 12.93
N VAL A 271 -1.21 29.26 13.54
CA VAL A 271 -2.09 28.34 12.81
C VAL A 271 -3.42 29.02 12.49
N GLU A 272 -3.92 29.85 13.43
CA GLU A 272 -5.13 30.61 13.15
C GLU A 272 -4.91 31.62 12.04
N ARG A 273 -3.69 32.13 11.89
CA ARG A 273 -3.40 33.09 10.82
C ARG A 273 -3.36 32.42 9.46
N ALA A 274 -2.89 31.17 9.39
CA ALA A 274 -2.89 30.45 8.12
C ALA A 274 -4.32 30.12 7.68
N ALA A 275 -5.19 29.76 8.63
CA ALA A 275 -6.58 29.50 8.28
C ALA A 275 -7.26 30.76 7.79
N ALA A 276 -6.97 31.90 8.40
CA ALA A 276 -7.59 33.16 7.97
C ALA A 276 -7.11 33.55 6.59
N ALA A 277 -5.84 33.27 6.27
CA ALA A 277 -5.34 33.57 4.93
C ALA A 277 -6.05 32.72 3.88
N CYS A 278 -6.53 31.54 4.27
CA CYS A 278 -7.26 30.69 3.33
C CYS A 278 -8.71 31.14 3.18
N GLU A 279 -9.33 31.63 4.27
CA GLU A 279 -10.69 32.13 4.16
C GLU A 279 -10.76 33.32 3.21
N ALA A 280 -9.78 34.21 3.28
CA ALA A 280 -9.74 35.35 2.37
C ALA A 280 -9.42 34.93 0.95
N SER A 281 -8.90 33.72 0.75
CA SER A 281 -8.63 33.19 -0.57
C SER A 281 -9.76 32.30 -1.07
N GLY A 282 -10.87 32.23 -0.34
CA GLY A 282 -12.05 31.51 -0.78
C GLY A 282 -12.33 30.22 -0.03
N ALA A 283 -11.56 29.88 1.00
CA ALA A 283 -11.76 28.64 1.72
C ALA A 283 -12.76 28.83 2.85
N THR A 284 -13.35 27.72 3.29
CA THR A 284 -14.23 27.70 4.45
C THR A 284 -13.52 26.93 5.56
N VAL A 285 -13.47 27.52 6.75
CA VAL A 285 -12.75 26.96 7.88
C VAL A 285 -13.73 26.71 9.02
N ALA A 286 -13.69 25.51 9.57
CA ALA A 286 -14.51 25.13 10.71
C ALA A 286 -13.62 24.83 11.90
N THR A 287 -14.13 25.07 13.10
CA THR A 287 -13.38 24.89 14.33
C THR A 287 -13.84 23.68 15.13
N SER A 288 -14.87 22.98 14.67
CA SER A 288 -15.37 21.79 15.34
C SER A 288 -16.06 20.91 14.30
N SER A 289 -16.14 19.62 14.61
CA SER A 289 -16.80 18.68 13.72
C SER A 289 -17.35 17.52 14.54
N PRO A 290 -18.61 17.13 14.33
CA PRO A 290 -19.12 15.92 15.00
C PRO A 290 -18.45 14.64 14.54
N ASP A 291 -17.64 14.69 13.48
CA ASP A 291 -16.97 13.53 12.94
C ASP A 291 -15.49 13.49 13.28
N LEU A 292 -15.01 14.39 14.13
CA LEU A 292 -13.63 14.32 14.58
C LEU A 292 -13.47 13.18 15.57
N PRO A 293 -12.57 12.24 15.35
CA PRO A 293 -12.44 11.09 16.25
C PRO A 293 -11.98 11.51 17.64
N ASP A 294 -12.15 10.61 18.60
CA ASP A 294 -11.70 10.84 19.96
C ASP A 294 -10.17 10.91 19.94
N LEU A 295 -9.64 12.14 19.99
CA LEU A 295 -8.19 12.31 19.95
C LEU A 295 -7.55 11.80 21.24
N SER A 296 -8.29 11.82 22.35
CA SER A 296 -7.75 11.33 23.61
C SER A 296 -7.64 9.82 23.61
N ALA A 297 -8.55 9.12 22.93
CA ALA A 297 -8.43 7.68 22.79
C ALA A 297 -7.40 7.32 21.72
N LEU A 298 -7.34 8.10 20.65
CA LEU A 298 -6.35 7.88 19.59
C LEU A 298 -4.93 7.89 20.16
N VAL A 299 -4.59 8.93 20.91
CA VAL A 299 -3.23 9.05 21.43
C VAL A 299 -2.93 7.91 22.39
N ALA A 300 -3.93 7.48 23.16
CA ALA A 300 -3.74 6.36 24.07
C ALA A 300 -3.52 5.06 23.30
N ASP A 301 -4.33 4.82 22.26
CA ASP A 301 -4.16 3.61 21.46
C ASP A 301 -2.91 3.67 20.59
N TYR A 302 -2.53 4.87 20.14
CA TYR A 302 -1.31 5.00 19.34
C TYR A 302 -0.06 4.78 20.19
N THR A 303 -0.05 5.32 21.42
CA THR A 303 1.11 5.14 22.28
C THR A 303 1.31 3.67 22.64
N ARG A 304 0.21 2.96 22.90
CA ARG A 304 0.30 1.55 23.24
C ARG A 304 0.81 0.72 22.08
N MET A 305 0.47 1.11 20.85
CA MET A 305 0.98 0.40 19.69
C MET A 305 2.41 0.81 19.37
N LEU A 306 2.73 2.10 19.52
CA LEU A 306 4.09 2.58 19.27
C LEU A 306 5.09 1.86 20.18
N LEU A 307 4.78 1.76 21.47
CA LEU A 307 5.71 1.13 22.40
C LEU A 307 5.89 -0.35 22.10
N VAL A 308 4.84 -1.02 21.60
CA VAL A 308 4.96 -2.43 21.26
C VAL A 308 5.78 -2.59 19.99
N VAL A 309 5.54 -1.74 18.99
CA VAL A 309 6.31 -1.79 17.74
C VAL A 309 7.78 -1.52 18.02
N LEU A 310 8.07 -0.51 18.86
CA LEU A 310 9.44 -0.16 19.18
C LEU A 310 10.12 -1.24 20.02
N ALA A 311 9.36 -2.05 20.74
CA ALA A 311 9.89 -3.12 21.56
C ALA A 311 9.88 -4.47 20.86
N ARG A 312 9.36 -4.53 19.63
CA ARG A 312 9.26 -5.78 18.87
C ARG A 312 8.53 -6.85 19.67
N GLY A 313 7.48 -6.43 20.38
CA GLY A 313 6.63 -7.34 21.13
C GLY A 313 7.21 -7.84 22.43
N LEU A 314 8.44 -7.45 22.78
CA LEU A 314 9.06 -7.91 24.01
C LEU A 314 8.63 -7.06 25.19
N ALA A 315 8.65 -7.66 26.37
CA ALA A 315 8.16 -7.03 27.59
C ALA A 315 9.24 -7.06 28.67
N PRO A 316 9.20 -6.13 29.61
CA PRO A 316 10.14 -6.16 30.73
C PRO A 316 10.06 -7.48 31.50
N GLU A 317 11.16 -7.80 32.18
CA GLU A 317 11.24 -9.05 32.92
C GLU A 317 10.10 -9.14 33.94
N GLY A 318 9.40 -10.27 33.90
CA GLY A 318 8.23 -10.49 34.74
C GLY A 318 6.93 -10.05 34.10
N THR A 319 6.95 -8.93 33.39
CA THR A 319 5.75 -8.42 32.75
C THR A 319 5.37 -9.32 31.57
N GLU A 320 4.08 -9.60 31.44
CA GLU A 320 3.63 -10.50 30.39
C GLU A 320 3.55 -9.75 29.07
N PRO A 321 4.08 -10.33 27.99
CA PRO A 321 4.02 -9.64 26.69
C PRO A 321 2.61 -9.58 26.14
N VAL A 322 2.44 -8.69 25.15
CA VAL A 322 1.19 -8.63 24.42
C VAL A 322 1.12 -9.83 23.49
N SER A 323 -0.03 -10.50 23.46
CA SER A 323 -0.17 -11.71 22.66
C SER A 323 -0.43 -11.35 21.20
N LEU A 324 -0.12 -12.31 20.32
CA LEU A 324 -0.38 -12.11 18.89
C LEU A 324 -1.87 -11.87 18.63
N ASN A 325 -2.74 -12.57 19.36
CA ASN A 325 -4.17 -12.32 19.23
C ASN A 325 -4.50 -10.89 19.65
N ALA A 326 -3.89 -10.41 20.74
CA ALA A 326 -4.14 -9.04 21.18
C ALA A 326 -3.56 -8.04 20.19
N TRP A 327 -2.44 -8.36 19.55
CA TRP A 327 -1.89 -7.47 18.53
C TRP A 327 -2.84 -7.36 17.33
N TYR A 328 -3.35 -8.50 16.86
CA TYR A 328 -4.34 -8.49 15.79
C TYR A 328 -5.55 -7.66 16.17
N ALA A 329 -5.90 -7.66 17.46
CA ALA A 329 -7.01 -6.83 17.93
C ALA A 329 -6.65 -5.35 17.89
N MET A 330 -5.39 -5.01 18.18
CA MET A 330 -4.98 -3.62 18.11
C MET A 330 -4.96 -3.10 16.67
N LEU A 331 -4.63 -3.96 15.70
CA LEU A 331 -4.67 -3.54 14.30
C LEU A 331 -6.10 -3.27 13.86
N ASP A 332 -7.04 -4.09 14.32
CA ASP A 332 -8.45 -3.83 14.03
C ASP A 332 -8.91 -2.55 14.69
N ASP A 333 -8.35 -2.21 15.86
CA ASP A 333 -8.65 -0.94 16.50
C ASP A 333 -8.08 0.22 15.69
N GLN A 334 -6.90 0.01 15.09
CA GLN A 334 -6.31 1.04 14.25
C GLN A 334 -7.13 1.26 12.98
N ALA A 335 -7.54 0.17 12.33
CA ALA A 335 -8.34 0.29 11.12
C ALA A 335 -9.70 0.93 11.41
N ARG A 336 -10.24 0.70 12.61
CA ARG A 336 -11.48 1.36 13.00
C ARG A 336 -11.28 2.87 13.09
N MET A 337 -10.13 3.31 13.59
CA MET A 337 -9.85 4.75 13.65
C MET A 337 -9.57 5.31 12.27
N MET A 338 -8.94 4.52 11.39
CA MET A 338 -8.64 5.00 10.04
C MET A 338 -9.93 5.31 9.28
N ARG A 339 -10.96 4.47 9.46
CA ARG A 339 -12.23 4.73 8.80
C ARG A 339 -12.97 5.90 9.43
N ALA A 340 -12.75 6.14 10.73
CA ALA A 340 -13.33 7.31 11.36
C ALA A 340 -12.78 8.60 10.75
N PHE A 341 -11.53 8.57 10.29
CA PHE A 341 -10.97 9.71 9.58
C PHE A 341 -11.39 9.74 8.13
N ASP A 342 -11.66 8.58 7.54
CA ASP A 342 -12.22 8.55 6.19
C ASP A 342 -13.56 9.28 6.14
N ARG A 343 -14.34 9.17 7.21
CA ARG A 343 -15.62 9.88 7.28
C ARG A 343 -15.41 11.37 7.55
N LEU A 344 -14.43 11.71 8.40
CA LEU A 344 -14.12 13.12 8.64
C LEU A 344 -13.67 13.80 7.37
N PHE A 345 -12.87 13.11 6.55
CA PHE A 345 -12.35 13.67 5.31
C PHE A 345 -13.36 13.64 4.18
N GLU A 346 -14.60 13.25 4.47
CA GLU A 346 -15.70 13.40 3.53
C GLU A 346 -16.32 14.78 3.60
N SER A 347 -16.15 15.48 4.73
CA SER A 347 -16.62 16.85 4.89
C SER A 347 -15.51 17.88 4.91
N PHE A 348 -14.24 17.44 4.95
CA PHE A 348 -13.12 18.36 5.02
C PHE A 348 -12.02 17.90 4.08
N ASP A 349 -11.34 18.87 3.47
CA ASP A 349 -10.21 18.59 2.59
C ASP A 349 -8.89 18.51 3.34
N ALA A 350 -8.79 19.15 4.50
CA ALA A 350 -7.53 19.17 5.24
C ALA A 350 -7.79 19.59 6.67
N ILE A 351 -6.89 19.17 7.56
CA ILE A 351 -6.88 19.61 8.95
C ILE A 351 -5.70 20.52 9.16
N PHE A 352 -5.96 21.70 9.70
CA PHE A 352 -4.92 22.67 10.07
C PHE A 352 -4.76 22.62 11.58
N CYS A 353 -3.57 22.25 12.04
CA CYS A 353 -3.31 22.13 13.47
C CYS A 353 -1.81 22.30 13.69
N PRO A 354 -1.38 22.51 14.93
CA PRO A 354 0.05 22.65 15.19
C PRO A 354 0.80 21.36 14.93
N VAL A 355 2.05 21.50 14.49
CA VAL A 355 2.96 20.36 14.43
C VAL A 355 3.33 19.91 15.83
N LEU A 356 3.76 20.86 16.66
CA LEU A 356 4.01 20.63 18.07
C LEU A 356 3.52 21.85 18.84
N GLY A 357 3.43 21.72 20.16
CA GLY A 357 2.82 22.76 20.97
C GLY A 357 3.68 23.99 21.16
N THR A 358 4.99 23.88 20.94
CA THR A 358 5.88 25.02 21.10
C THR A 358 7.00 24.93 20.07
N THR A 359 7.89 25.91 20.09
CA THR A 359 9.01 25.95 19.16
C THR A 359 10.14 25.07 19.68
N ALA A 360 11.29 25.13 19.00
CA ALA A 360 12.43 24.31 19.37
C ALA A 360 12.84 24.56 20.82
N PHE A 361 12.94 23.48 21.59
CA PHE A 361 13.29 23.56 22.99
C PHE A 361 14.82 23.56 23.17
N ALA A 362 15.25 23.90 24.37
CA ALA A 362 16.68 23.93 24.66
C ALA A 362 17.21 22.51 24.77
N HIS A 363 18.49 22.34 24.41
CA HIS A 363 19.12 21.04 24.41
C HIS A 363 18.91 20.33 25.75
N SER A 364 18.48 19.07 25.68
CA SER A 364 18.21 18.28 26.87
C SER A 364 19.14 17.08 26.91
N ASP A 365 19.68 16.81 28.10
CA ASP A 365 20.52 15.64 28.33
C ASP A 365 19.78 14.57 29.11
N GLU A 366 18.48 14.76 29.34
CA GLU A 366 17.66 13.78 30.02
C GLU A 366 17.14 12.78 28.99
N PRO A 367 17.57 11.52 29.00
CA PRO A 367 17.10 10.58 27.98
C PRO A 367 15.63 10.23 28.11
N ASP A 368 15.09 10.28 29.31
CA ASP A 368 13.72 9.87 29.58
C ASP A 368 12.76 11.02 29.29
N TRP A 369 11.82 10.80 28.38
CA TRP A 369 10.82 11.81 28.07
C TRP A 369 9.90 12.09 29.26
N ALA A 370 9.76 11.12 30.17
CA ALA A 370 8.93 11.33 31.35
C ALA A 370 9.59 12.25 32.36
N LYS A 371 10.91 12.37 32.32
CA LYS A 371 11.64 13.29 33.19
C LYS A 371 11.91 14.64 32.51
N ARG A 372 11.22 14.93 31.42
CA ARG A 372 11.36 16.18 30.70
C ARG A 372 10.09 17.01 30.82
N SER A 373 10.23 18.31 30.59
CA SER A 373 9.09 19.22 30.61
C SER A 373 9.34 20.32 29.58
N LEU A 374 8.27 21.02 29.22
CA LEU A 374 8.34 22.08 28.23
C LEU A 374 7.73 23.36 28.80
N SER A 375 8.20 24.49 28.29
CA SER A 375 7.71 25.80 28.70
C SER A 375 6.67 26.28 27.68
N ILE A 376 5.41 26.26 28.08
CA ILE A 376 4.31 26.76 27.25
C ILE A 376 3.86 28.07 27.89
N ASP A 377 4.27 29.18 27.28
CA ASP A 377 3.93 30.53 27.74
C ASP A 377 4.23 30.71 29.23
N GLY A 378 5.42 30.26 29.64
CA GLY A 378 5.84 30.39 31.01
C GLY A 378 5.42 29.27 31.94
N GLY A 379 4.51 28.41 31.53
CA GLY A 379 4.03 27.33 32.37
C GLY A 379 4.76 26.03 32.08
N ILE A 380 4.70 25.13 33.06
CA ILE A 380 5.36 23.84 32.97
C ILE A 380 4.37 22.84 32.37
N ALA A 381 4.76 22.19 31.29
CA ALA A 381 3.91 21.20 30.64
C ALA A 381 4.69 19.91 30.41
N PRO A 382 4.00 18.76 30.48
CA PRO A 382 4.67 17.49 30.22
C PRO A 382 5.24 17.44 28.81
N PHE A 383 6.36 16.74 28.66
CA PHE A 383 7.05 16.66 27.38
C PHE A 383 6.40 15.62 26.47
N ALA A 384 6.18 14.41 27.00
CA ALA A 384 5.68 13.30 26.20
C ALA A 384 4.24 13.50 25.75
N ALA A 385 3.46 14.35 26.43
CA ALA A 385 2.08 14.57 26.04
C ALA A 385 1.98 15.24 24.67
N GLN A 386 3.05 15.88 24.21
CA GLN A 386 3.05 16.52 22.90
C GLN A 386 2.98 15.53 21.75
N LEU A 387 3.08 14.23 22.04
CA LEU A 387 2.91 13.22 21.01
C LEU A 387 1.51 13.24 20.42
N GLY A 388 0.55 13.85 21.12
CA GLY A 388 -0.81 13.92 20.62
C GLY A 388 -0.98 14.80 19.40
N TRP A 389 -0.07 15.76 19.20
CA TRP A 389 -0.16 16.62 18.02
C TRP A 389 0.17 15.86 16.74
N ILE A 390 0.98 14.82 16.85
CA ILE A 390 1.41 14.03 15.70
C ILE A 390 0.74 12.66 15.65
N SER A 391 -0.11 12.36 16.64
CA SER A 391 -0.67 11.01 16.75
C SER A 391 -1.67 10.72 15.63
N MET A 392 -2.43 11.73 15.21
CA MET A 392 -3.49 11.50 14.23
C MET A 392 -2.92 10.97 12.92
N ALA A 393 -1.88 11.61 12.40
CA ALA A 393 -1.36 11.23 11.08
C ALA A 393 -0.63 9.89 11.14
N THR A 394 0.13 9.65 12.21
CA THR A 394 0.88 8.40 12.30
C THR A 394 -0.04 7.21 12.53
N TYR A 395 -1.00 7.34 13.45
CA TYR A 395 -1.86 6.22 13.80
C TYR A 395 -2.96 6.01 12.77
N GLY A 396 -3.42 7.08 12.12
CA GLY A 396 -4.42 6.96 11.08
C GLY A 396 -3.82 6.67 9.72
N GLY A 397 -2.52 6.95 9.59
CA GLY A 397 -1.82 6.71 8.35
C GLY A 397 -1.85 7.86 7.36
N MET A 398 -2.56 8.94 7.68
CA MET A 398 -2.77 10.01 6.71
C MET A 398 -1.47 10.75 6.44
N PRO A 399 -1.31 11.32 5.25
CA PRO A 399 -0.16 12.19 5.00
C PRO A 399 -0.31 13.50 5.76
N ALA A 400 0.81 14.01 6.27
CA ALA A 400 0.81 15.25 7.02
C ALA A 400 2.01 16.08 6.60
N LEU A 401 1.76 17.32 6.19
CA LEU A 401 2.80 18.22 5.74
C LEU A 401 3.18 19.17 6.86
N SER A 402 4.48 19.33 7.09
CA SER A 402 5.01 20.36 7.99
C SER A 402 5.65 21.43 7.12
N MET A 403 5.04 22.62 7.11
CA MET A 403 5.50 23.70 6.26
C MET A 403 5.78 24.95 7.09
N PRO A 404 6.76 25.76 6.68
CA PRO A 404 7.07 26.99 7.42
C PRO A 404 5.88 27.94 7.44
N LEU A 405 5.55 28.40 8.64
CA LEU A 405 4.50 29.38 8.89
C LEU A 405 5.03 30.72 9.36
N GLY A 406 6.03 30.70 10.25
CA GLY A 406 6.64 31.93 10.72
C GLY A 406 7.64 31.62 11.82
N ALA A 407 7.76 32.56 12.75
CA ALA A 407 8.64 32.40 13.90
C ALA A 407 8.00 33.05 15.12
N ASP A 408 8.40 32.59 16.30
CA ASP A 408 7.91 33.16 17.55
C ASP A 408 8.68 34.44 17.84
N GLY A 409 8.46 35.00 19.04
CA GLY A 409 9.14 36.23 19.42
C GLY A 409 10.62 36.10 19.62
N ASN A 410 11.11 34.87 19.83
CA ASN A 410 12.54 34.61 20.02
C ASN A 410 13.22 34.17 18.74
N GLY A 411 12.52 34.23 17.60
CA GLY A 411 13.11 33.88 16.33
C GLY A 411 13.06 32.41 15.96
N LEU A 412 12.38 31.59 16.76
CA LEU A 412 12.35 30.16 16.48
C LEU A 412 11.18 29.83 15.56
N PRO A 413 11.40 29.04 14.52
CA PRO A 413 10.36 28.81 13.50
C PRO A 413 9.14 28.10 14.08
N ILE A 414 7.97 28.48 13.58
CA ILE A 414 6.70 27.80 13.85
C ILE A 414 6.18 27.26 12.52
N ASN A 415 5.89 25.96 12.48
CA ASN A 415 5.37 25.33 11.29
C ASN A 415 3.90 24.92 11.48
N LEU A 416 3.22 24.73 10.36
CA LEU A 416 1.84 24.28 10.32
C LEU A 416 1.80 22.82 9.88
N GLN A 417 0.94 22.04 10.52
CA GLN A 417 0.66 20.67 10.10
C GLN A 417 -0.60 20.66 9.26
N ILE A 418 -0.48 20.20 8.02
CA ILE A 418 -1.62 20.04 7.11
C ILE A 418 -1.85 18.54 6.93
N ILE A 419 -2.96 18.05 7.46
CA ILE A 419 -3.30 16.63 7.38
C ILE A 419 -4.41 16.47 6.36
N THR A 420 -4.17 15.65 5.34
CA THR A 420 -5.16 15.30 4.33
C THR A 420 -5.48 13.81 4.41
N ARG A 421 -6.41 13.37 3.57
CA ARG A 421 -6.84 11.97 3.59
C ARG A 421 -5.76 11.06 3.04
N ASN A 422 -5.88 9.77 3.36
CA ASN A 422 -4.89 8.78 2.93
C ASN A 422 -4.76 8.77 1.42
N TRP A 423 -3.51 8.69 0.95
CA TRP A 423 -3.12 8.63 -0.46
C TRP A 423 -3.28 9.97 -1.18
N SER A 424 -3.59 11.04 -0.46
CA SER A 424 -3.67 12.38 -1.02
C SER A 424 -2.44 13.20 -0.67
N ASP A 425 -1.26 12.56 -0.68
CA ASP A 425 -0.02 13.25 -0.34
C ASP A 425 0.20 14.47 -1.21
N HIS A 426 -0.16 14.38 -2.50
CA HIS A 426 0.04 15.51 -3.41
C HIS A 426 -0.91 16.65 -3.09
N ASP A 427 -2.07 16.36 -2.51
CA ASP A 427 -2.96 17.44 -2.07
C ASP A 427 -2.40 18.15 -0.85
N ALA A 428 -1.74 17.42 0.05
CA ALA A 428 -1.12 18.04 1.21
C ALA A 428 0.01 18.98 0.78
N ILE A 429 0.76 18.60 -0.26
CA ILE A 429 1.80 19.48 -0.78
C ILE A 429 1.17 20.69 -1.47
N ARG A 430 0.09 20.47 -2.21
CA ARG A 430 -0.53 21.55 -2.98
C ARG A 430 -1.20 22.57 -2.06
N ILE A 431 -1.96 22.09 -1.08
CA ILE A 431 -2.56 22.99 -0.10
C ILE A 431 -1.49 23.78 0.64
N GLY A 432 -0.36 23.13 0.93
CA GLY A 432 0.73 23.82 1.61
C GLY A 432 1.34 24.92 0.77
N ALA A 433 1.56 24.64 -0.51
CA ALA A 433 2.06 25.68 -1.42
C ALA A 433 1.07 26.81 -1.56
N LEU A 434 -0.23 26.51 -1.50
CA LEU A 434 -1.25 27.54 -1.62
C LEU A 434 -1.38 28.36 -0.33
N VAL A 435 -1.10 27.75 0.82
CA VAL A 435 -1.06 28.49 2.07
C VAL A 435 0.09 29.49 2.04
N ALA A 436 1.24 29.09 1.47
CA ALA A 436 2.37 29.99 1.38
C ALA A 436 2.06 31.20 0.50
N GLU A 437 1.41 30.96 -0.64
CA GLU A 437 1.00 32.07 -1.50
C GLU A 437 0.04 33.00 -0.77
N ALA A 438 -0.92 32.42 -0.03
CA ALA A 438 -1.92 33.23 0.66
C ALA A 438 -1.27 34.08 1.76
N LEU A 439 -0.26 33.54 2.44
CA LEU A 439 0.39 34.26 3.51
C LEU A 439 1.37 35.32 3.00
N ASP A 440 1.80 35.22 1.74
CA ASP A 440 2.68 36.22 1.13
C ASP A 440 1.91 37.26 0.32
N ARG A 441 0.62 37.41 0.58
CA ARG A 441 -0.17 38.45 -0.07
C ARG A 441 -0.77 39.39 0.98
N SER B 4 -22.62 -17.22 -26.30
CA SER B 4 -21.81 -16.15 -25.74
C SER B 4 -22.67 -15.04 -25.16
N GLU B 5 -22.20 -14.41 -24.10
CA GLU B 5 -22.91 -13.32 -23.44
C GLU B 5 -22.09 -12.04 -23.53
N LEU B 6 -22.75 -10.92 -23.27
CA LEU B 6 -22.07 -9.63 -23.28
C LEU B 6 -21.13 -9.51 -22.09
N SER B 7 -20.01 -8.84 -22.32
CA SER B 7 -19.08 -8.54 -21.23
C SER B 7 -19.59 -7.32 -20.45
N ALA B 8 -18.88 -7.01 -19.36
CA ALA B 8 -19.28 -5.87 -18.54
C ALA B 8 -19.12 -4.56 -19.30
N ILE B 9 -18.03 -4.41 -20.05
CA ILE B 9 -17.83 -3.21 -20.84
C ILE B 9 -18.85 -3.14 -21.97
N GLU B 10 -19.14 -4.29 -22.61
CA GLU B 10 -20.12 -4.30 -23.69
C GLU B 10 -21.51 -3.95 -23.17
N THR B 11 -21.86 -4.45 -21.98
CA THR B 11 -23.18 -4.15 -21.41
C THR B 11 -23.32 -2.66 -21.14
N ALA B 12 -22.29 -2.05 -20.55
CA ALA B 12 -22.35 -0.62 -20.28
C ALA B 12 -22.39 0.19 -21.57
N ALA B 13 -21.72 -0.30 -22.62
CA ALA B 13 -21.74 0.40 -23.90
C ALA B 13 -23.12 0.29 -24.56
N ALA B 14 -23.78 -0.86 -24.42
CA ALA B 14 -25.10 -1.02 -25.01
C ALA B 14 -26.15 -0.21 -24.26
N ILE B 15 -25.96 -0.02 -22.95
CA ILE B 15 -26.91 0.78 -22.18
C ILE B 15 -26.73 2.26 -22.47
N ALA B 16 -25.48 2.71 -22.60
CA ALA B 16 -25.21 4.11 -22.90
C ALA B 16 -25.54 4.48 -24.34
N GLY B 17 -25.51 3.50 -25.24
CA GLY B 17 -25.84 3.73 -26.62
C GLY B 17 -27.33 3.69 -26.88
N GLY B 18 -28.04 2.84 -26.17
CA GLY B 18 -29.47 2.69 -26.34
C GLY B 18 -29.91 1.35 -26.91
N SER B 19 -28.97 0.44 -27.17
CA SER B 19 -29.33 -0.91 -27.60
C SER B 19 -30.28 -1.56 -26.60
N MET B 20 -30.07 -1.31 -25.31
CA MET B 20 -30.90 -1.84 -24.25
C MET B 20 -30.86 -0.86 -23.08
N THR B 21 -31.81 -1.02 -22.16
CA THR B 21 -31.84 -0.19 -20.96
C THR B 21 -31.22 -0.94 -19.80
N ALA B 22 -30.98 -0.20 -18.70
CA ALA B 22 -30.39 -0.81 -17.52
C ALA B 22 -31.37 -1.78 -16.87
N LEU B 23 -32.66 -1.45 -16.88
CA LEU B 23 -33.66 -2.37 -16.37
C LEU B 23 -33.78 -3.60 -17.25
N GLU B 24 -33.60 -3.43 -18.57
CA GLU B 24 -33.63 -4.57 -19.48
C GLU B 24 -32.42 -5.48 -19.24
N ALA B 25 -31.25 -4.89 -19.00
CA ALA B 25 -30.07 -5.70 -18.72
C ALA B 25 -30.18 -6.37 -17.35
N CYS B 26 -30.78 -5.68 -16.38
CA CYS B 26 -31.01 -6.29 -15.08
C CYS B 26 -31.98 -7.47 -15.19
N ASP B 27 -33.09 -7.28 -15.90
CA ASP B 27 -34.08 -8.34 -16.04
C ASP B 27 -33.55 -9.49 -16.89
N ALA B 28 -32.66 -9.20 -17.84
CA ALA B 28 -32.09 -10.26 -18.66
C ALA B 28 -31.13 -11.13 -17.85
N ALA B 29 -30.39 -10.53 -16.92
CA ALA B 29 -29.50 -11.30 -16.07
C ALA B 29 -30.30 -12.09 -15.03
N ILE B 30 -31.36 -11.48 -14.49
CA ILE B 30 -32.25 -12.21 -13.59
C ILE B 30 -32.84 -13.43 -14.30
N ALA B 31 -33.16 -13.29 -15.59
CA ALA B 31 -33.69 -14.41 -16.36
C ALA B 31 -32.65 -15.51 -16.51
N ARG B 32 -31.42 -15.13 -16.89
CA ARG B 32 -30.37 -16.13 -17.04
C ARG B 32 -30.07 -16.84 -15.73
N ILE B 33 -30.18 -16.13 -14.60
CA ILE B 33 -29.94 -16.78 -13.31
C ILE B 33 -31.04 -17.78 -13.01
N GLU B 34 -32.31 -17.36 -13.12
CA GLU B 34 -33.42 -18.26 -12.84
C GLU B 34 -33.50 -19.40 -13.84
N GLN B 35 -32.93 -19.25 -15.02
CA GLN B 35 -33.02 -20.26 -16.06
C GLN B 35 -31.87 -21.27 -16.01
N ARG B 36 -30.69 -20.86 -15.52
CA ARG B 36 -29.51 -21.71 -15.55
C ARG B 36 -28.92 -22.07 -14.20
N ASP B 37 -29.26 -21.35 -13.13
CA ASP B 37 -28.65 -21.60 -11.83
C ASP B 37 -29.30 -22.75 -11.07
N GLY B 38 -30.27 -23.44 -11.67
CA GLY B 38 -30.94 -24.53 -11.02
C GLY B 38 -30.00 -25.66 -10.61
N PRO B 39 -29.31 -26.26 -11.59
CA PRO B 39 -28.34 -27.31 -11.26
C PRO B 39 -26.99 -26.81 -10.80
N ILE B 40 -26.76 -25.50 -10.76
CA ILE B 40 -25.45 -24.94 -10.43
C ILE B 40 -25.42 -24.36 -9.02
N ASN B 41 -26.48 -23.64 -8.63
CA ASN B 41 -26.58 -23.02 -7.30
C ASN B 41 -25.37 -22.13 -6.99
N ALA B 42 -25.29 -21.05 -7.75
CA ALA B 42 -24.25 -20.05 -7.57
C ALA B 42 -24.76 -18.75 -6.96
N VAL B 43 -25.87 -18.22 -7.47
CA VAL B 43 -26.44 -16.98 -6.95
C VAL B 43 -27.34 -17.37 -5.79
N VAL B 44 -26.73 -17.51 -4.61
CA VAL B 44 -27.44 -18.01 -3.45
C VAL B 44 -28.09 -16.92 -2.61
N VAL B 45 -27.63 -15.68 -2.72
CA VAL B 45 -28.28 -14.54 -2.11
C VAL B 45 -28.79 -13.67 -3.25
N ARG B 46 -30.09 -13.39 -3.27
CA ARG B 46 -30.72 -12.70 -4.37
C ARG B 46 -31.44 -11.46 -3.87
N ASP B 47 -31.21 -10.33 -4.54
CA ASP B 47 -31.78 -9.03 -4.21
C ASP B 47 -32.38 -8.41 -5.46
N PHE B 48 -33.20 -9.20 -6.17
CA PHE B 48 -33.67 -8.78 -7.48
C PHE B 48 -34.61 -7.58 -7.40
N ASP B 49 -35.42 -7.50 -6.34
CA ASP B 49 -36.36 -6.39 -6.23
C ASP B 49 -35.63 -5.06 -6.12
N ARG B 50 -34.69 -4.96 -5.18
CA ARG B 50 -33.92 -3.73 -5.03
C ARG B 50 -32.97 -3.51 -6.21
N ALA B 51 -32.61 -4.57 -6.92
CA ALA B 51 -31.75 -4.40 -8.09
C ALA B 51 -32.50 -3.74 -9.24
N ARG B 52 -33.77 -4.10 -9.42
CA ARG B 52 -34.58 -3.45 -10.45
C ARG B 52 -34.79 -1.98 -10.13
N ASP B 53 -34.85 -1.61 -8.84
CA ASP B 53 -34.99 -0.21 -8.48
C ASP B 53 -33.71 0.56 -8.76
N ALA B 54 -32.56 -0.09 -8.62
CA ALA B 54 -31.29 0.57 -8.93
C ALA B 54 -31.06 0.67 -10.44
N ALA B 55 -31.58 -0.30 -11.20
CA ALA B 55 -31.49 -0.21 -12.65
C ALA B 55 -32.39 0.90 -13.18
N LYS B 56 -33.58 1.06 -12.59
CA LYS B 56 -34.45 2.17 -12.98
C LYS B 56 -33.83 3.50 -12.61
N ALA B 57 -33.03 3.55 -11.55
CA ALA B 57 -32.31 4.77 -11.22
C ALA B 57 -31.13 5.01 -12.15
N ALA B 58 -30.52 3.94 -12.66
CA ALA B 58 -29.44 4.09 -13.62
C ALA B 58 -29.98 4.60 -14.95
N ASP B 59 -31.14 4.11 -15.38
CA ASP B 59 -31.75 4.60 -16.60
C ASP B 59 -32.14 6.06 -16.49
N ALA B 60 -32.48 6.52 -15.28
CA ALA B 60 -32.75 7.93 -15.08
C ALA B 60 -31.47 8.76 -15.22
N GLU B 61 -30.36 8.23 -14.69
CA GLU B 61 -29.07 8.90 -14.89
C GLU B 61 -28.66 8.85 -16.35
N ILE B 62 -28.88 7.71 -17.01
CA ILE B 62 -28.58 7.59 -18.44
C ILE B 62 -29.36 8.63 -19.23
N ALA B 63 -30.62 8.86 -18.84
CA ALA B 63 -31.44 9.85 -19.54
C ALA B 63 -31.00 11.27 -19.23
N ALA B 64 -30.33 11.49 -18.10
CA ALA B 64 -29.75 12.79 -17.78
C ALA B 64 -28.36 12.97 -18.39
N ALA B 65 -28.01 12.16 -19.39
CA ALA B 65 -26.72 12.18 -20.07
C ALA B 65 -25.55 11.82 -19.15
N VAL B 66 -25.84 11.36 -17.93
CA VAL B 66 -24.78 10.92 -17.04
C VAL B 66 -24.19 9.62 -17.56
N ARG B 67 -22.86 9.54 -17.59
CA ARG B 67 -22.16 8.37 -18.11
C ARG B 67 -21.11 7.91 -17.12
N LYS B 68 -21.20 6.66 -16.70
CA LYS B 68 -20.26 6.01 -15.80
C LYS B 68 -19.77 4.72 -16.45
N PRO B 69 -18.57 4.26 -16.10
CA PRO B 69 -17.97 3.14 -16.85
C PRO B 69 -18.75 1.84 -16.74
N LEU B 70 -19.52 1.64 -15.66
CA LEU B 70 -20.31 0.42 -15.47
C LEU B 70 -21.77 0.76 -15.18
N LEU B 71 -22.25 1.91 -15.67
CA LEU B 71 -23.59 2.37 -15.33
C LEU B 71 -24.64 1.41 -15.90
N GLY B 72 -25.40 0.78 -15.00
CA GLY B 72 -26.46 -0.13 -15.38
C GLY B 72 -26.05 -1.58 -15.54
N VAL B 73 -24.78 -1.91 -15.35
CA VAL B 73 -24.28 -3.26 -15.55
C VAL B 73 -24.71 -4.15 -14.38
N PRO B 74 -25.47 -5.21 -14.62
CA PRO B 74 -25.83 -6.13 -13.54
C PRO B 74 -24.69 -7.06 -13.22
N MET B 75 -24.50 -7.32 -11.92
CA MET B 75 -23.42 -8.19 -11.49
C MET B 75 -23.75 -8.78 -10.13
N THR B 76 -22.91 -9.71 -9.68
CA THR B 76 -22.96 -10.27 -8.35
C THR B 76 -21.57 -10.18 -7.73
N ILE B 77 -21.49 -10.40 -6.42
CA ILE B 77 -20.23 -10.41 -5.71
C ILE B 77 -20.20 -11.59 -4.74
N LYS B 78 -18.99 -12.00 -4.38
CA LYS B 78 -18.81 -13.08 -3.41
C LYS B 78 -19.52 -12.77 -2.11
N GLU B 79 -20.14 -13.79 -1.51
CA GLU B 79 -21.00 -13.57 -0.34
C GLU B 79 -20.24 -12.99 0.83
N SER B 80 -18.91 -13.15 0.87
CA SER B 80 -18.12 -12.59 1.97
C SER B 80 -18.05 -11.08 1.93
N PHE B 81 -18.36 -10.45 0.79
CA PHE B 81 -18.39 -9.00 0.71
C PHE B 81 -19.71 -8.46 1.24
N ASP B 82 -19.64 -7.33 1.94
CA ASP B 82 -20.83 -6.75 2.55
C ASP B 82 -21.63 -5.97 1.52
N ILE B 83 -22.95 -6.12 1.57
CA ILE B 83 -23.90 -5.27 0.87
C ILE B 83 -24.99 -4.90 1.85
N ALA B 84 -25.23 -3.60 2.01
CA ALA B 84 -26.21 -3.13 2.99
C ALA B 84 -27.57 -3.74 2.71
N GLY B 85 -28.17 -4.33 3.74
CA GLY B 85 -29.45 -5.00 3.61
C GLY B 85 -29.36 -6.49 3.33
N LEU B 86 -28.20 -6.97 2.90
CA LEU B 86 -27.97 -8.36 2.54
C LEU B 86 -27.17 -9.07 3.63
N PRO B 87 -27.34 -10.38 3.80
CA PRO B 87 -26.58 -11.09 4.83
C PRO B 87 -25.16 -11.35 4.40
N THR B 88 -24.28 -11.46 5.39
CA THR B 88 -22.90 -11.91 5.20
C THR B 88 -22.63 -12.98 6.24
N SER B 89 -22.51 -14.23 5.80
CA SER B 89 -22.41 -15.37 6.70
C SER B 89 -21.12 -16.15 6.58
N TRP B 90 -20.40 -16.03 5.47
CA TRP B 90 -19.22 -16.84 5.17
C TRP B 90 -19.52 -18.34 5.24
N GLY B 91 -20.79 -18.71 5.11
CA GLY B 91 -21.21 -20.10 5.13
C GLY B 91 -21.59 -20.63 6.49
N PHE B 92 -21.39 -19.86 7.55
CA PHE B 92 -21.71 -20.32 8.90
C PHE B 92 -23.22 -20.25 9.13
N ALA B 93 -23.75 -21.29 9.75
CA ALA B 93 -25.16 -21.25 10.15
C ALA B 93 -25.39 -20.24 11.26
N GLU B 94 -24.40 -20.07 12.13
CA GLU B 94 -24.51 -19.10 13.22
C GLU B 94 -24.57 -17.67 12.71
N HIS B 95 -24.16 -17.42 11.46
CA HIS B 95 -24.07 -16.06 10.92
C HIS B 95 -25.00 -15.84 9.74
N ALA B 96 -26.03 -16.68 9.59
CA ALA B 96 -26.92 -16.55 8.44
C ALA B 96 -27.87 -15.37 8.58
N ASP B 97 -28.19 -14.95 9.80
CA ASP B 97 -29.06 -13.81 10.02
C ASP B 97 -28.28 -12.51 10.27
N HIS B 98 -26.98 -12.51 10.00
CA HIS B 98 -26.15 -11.31 10.13
C HIS B 98 -26.33 -10.46 8.87
N ILE B 99 -27.10 -9.38 8.98
CA ILE B 99 -27.33 -8.48 7.86
C ILE B 99 -26.42 -7.27 8.01
N ALA B 100 -25.69 -6.96 6.93
CA ALA B 100 -24.79 -5.82 6.96
C ALA B 100 -25.56 -4.52 6.90
N THR B 101 -25.07 -3.51 7.61
CA THR B 101 -25.71 -2.20 7.63
C THR B 101 -25.12 -1.24 6.61
N ALA B 102 -23.96 -1.55 6.04
CA ALA B 102 -23.29 -0.67 5.08
C ALA B 102 -22.61 -1.52 4.02
N ASP B 103 -22.47 -0.93 2.83
CA ASP B 103 -21.79 -1.61 1.73
C ASP B 103 -20.29 -1.69 1.97
N SER B 104 -19.67 -2.70 1.38
CA SER B 104 -18.23 -2.82 1.43
C SER B 104 -17.57 -1.81 0.48
N LEU B 105 -16.26 -1.61 0.66
CA LEU B 105 -15.55 -0.62 -0.14
C LEU B 105 -15.61 -0.96 -1.62
N VAL B 106 -15.36 -2.22 -1.97
CA VAL B 106 -15.43 -2.64 -3.37
C VAL B 106 -16.82 -2.43 -3.94
N VAL B 107 -17.85 -2.75 -3.15
CA VAL B 107 -19.23 -2.57 -3.61
C VAL B 107 -19.54 -1.08 -3.76
N SER B 108 -19.08 -0.26 -2.81
CA SER B 108 -19.24 1.19 -2.94
C SER B 108 -18.60 1.72 -4.22
N ARG B 109 -17.37 1.28 -4.51
CA ARG B 109 -16.68 1.73 -5.71
C ARG B 109 -17.43 1.32 -6.97
N LEU B 110 -17.89 0.07 -7.03
CA LEU B 110 -18.57 -0.41 -8.23
C LEU B 110 -19.94 0.23 -8.39
N LYS B 111 -20.68 0.41 -7.29
CA LYS B 111 -21.94 1.11 -7.37
C LYS B 111 -21.74 2.56 -7.84
N ALA B 112 -20.67 3.20 -7.36
CA ALA B 112 -20.38 4.57 -7.79
C ALA B 112 -20.02 4.63 -9.26
N ALA B 113 -19.49 3.53 -9.80
CA ALA B 113 -19.27 3.42 -11.24
C ALA B 113 -20.54 3.01 -11.98
N GLY B 114 -21.64 2.79 -11.26
CA GLY B 114 -22.94 2.55 -11.86
C GLY B 114 -23.40 1.11 -11.84
N ALA B 115 -22.64 0.20 -11.25
CA ALA B 115 -23.00 -1.22 -11.28
C ALA B 115 -24.22 -1.48 -10.41
N VAL B 116 -25.02 -2.46 -10.83
CA VAL B 116 -26.20 -2.90 -10.09
C VAL B 116 -25.92 -4.30 -9.58
N PHE B 117 -26.07 -4.50 -8.28
CA PHE B 117 -25.78 -5.79 -7.65
C PHE B 117 -27.08 -6.59 -7.53
N LEU B 118 -27.15 -7.71 -8.25
CA LEU B 118 -28.33 -8.56 -8.18
C LEU B 118 -28.30 -9.47 -6.97
N GLY B 119 -27.11 -9.79 -6.46
CA GLY B 119 -27.02 -10.67 -5.32
C GLY B 119 -25.58 -11.04 -5.05
N LYS B 120 -25.41 -12.13 -4.30
CA LYS B 120 -24.09 -12.57 -3.86
C LYS B 120 -23.91 -14.07 -4.15
N SER B 121 -22.67 -14.45 -4.44
CA SER B 121 -22.34 -15.78 -4.92
C SER B 121 -21.87 -16.69 -3.79
N ASN B 122 -22.10 -17.99 -3.97
CA ASN B 122 -21.91 -18.98 -2.91
C ASN B 122 -20.44 -19.13 -2.53
N ILE B 123 -20.23 -19.67 -1.34
CA ILE B 123 -18.91 -19.79 -0.72
C ILE B 123 -18.88 -21.05 0.14
N PRO B 124 -17.71 -21.57 0.48
CA PRO B 124 -17.64 -22.62 1.51
C PRO B 124 -17.70 -22.02 2.91
N VAL B 125 -17.85 -22.90 3.89
CA VAL B 125 -17.91 -22.46 5.28
C VAL B 125 -16.56 -21.88 5.68
N GLY B 126 -16.56 -20.64 6.15
CA GLY B 126 -15.33 -20.00 6.55
C GLY B 126 -14.38 -19.67 5.42
N LEU B 127 -14.85 -19.71 4.18
CA LEU B 127 -14.03 -19.44 3.00
C LEU B 127 -12.77 -20.30 2.98
N ALA B 128 -12.86 -21.52 3.49
CA ALA B 128 -11.69 -22.34 3.78
C ALA B 128 -11.69 -23.65 3.00
N ASP B 129 -12.03 -23.59 1.71
CA ASP B 129 -11.98 -24.78 0.88
C ASP B 129 -11.94 -24.37 -0.58
N TRP B 130 -11.42 -25.27 -1.41
CA TRP B 130 -11.50 -25.15 -2.86
C TRP B 130 -12.80 -25.70 -3.41
N GLN B 131 -13.86 -25.65 -2.61
CA GLN B 131 -15.22 -25.98 -2.98
C GLN B 131 -16.10 -24.83 -2.49
N SER B 132 -17.39 -24.88 -2.84
CA SER B 132 -18.36 -23.90 -2.37
C SER B 132 -19.61 -24.64 -1.89
N VAL B 133 -19.63 -24.96 -0.60
CA VAL B 133 -20.73 -25.71 0.00
C VAL B 133 -20.85 -25.27 1.45
N ASN B 134 -22.08 -25.03 1.90
CA ASN B 134 -22.34 -24.54 3.24
C ASN B 134 -23.77 -24.91 3.63
N PRO B 135 -24.07 -24.97 4.94
CA PRO B 135 -25.43 -25.32 5.36
C PRO B 135 -26.46 -24.22 5.13
N ASN B 136 -26.04 -23.01 4.76
CA ASN B 136 -26.98 -21.91 4.57
C ASN B 136 -27.55 -21.86 3.16
N TYR B 137 -26.77 -22.28 2.16
CA TYR B 137 -27.15 -22.07 0.77
C TYR B 137 -27.06 -23.35 -0.05
N GLY B 138 -26.20 -24.27 0.37
CA GLY B 138 -26.03 -25.51 -0.36
C GLY B 138 -24.69 -25.62 -1.06
N ARG B 139 -24.64 -26.38 -2.14
CA ARG B 139 -23.42 -26.66 -2.88
C ARG B 139 -23.48 -26.07 -4.28
N THR B 140 -22.38 -25.48 -4.72
CA THR B 140 -22.26 -24.98 -6.09
C THR B 140 -21.56 -26.03 -6.93
N ASN B 141 -22.08 -26.26 -8.14
CA ASN B 141 -21.59 -27.30 -9.03
C ASN B 141 -20.95 -26.68 -10.25
N ASN B 142 -19.88 -27.31 -10.73
CA ASN B 142 -19.14 -26.80 -11.88
C ASN B 142 -20.03 -26.80 -13.12
N PRO B 143 -20.20 -25.65 -13.78
CA PRO B 143 -21.06 -25.61 -14.97
C PRO B 143 -20.57 -26.47 -16.13
N HIS B 144 -19.31 -26.91 -16.10
CA HIS B 144 -18.79 -27.79 -17.13
C HIS B 144 -19.02 -29.26 -16.79
N ASP B 145 -19.19 -29.58 -15.51
CA ASP B 145 -19.48 -30.95 -15.08
C ASP B 145 -20.05 -30.83 -13.66
N HIS B 146 -21.38 -31.02 -13.54
CA HIS B 146 -22.05 -30.81 -12.27
C HIS B 146 -21.57 -31.76 -11.17
N SER B 147 -20.77 -32.77 -11.51
CA SER B 147 -20.21 -33.69 -10.52
C SER B 147 -18.90 -33.21 -9.92
N ARG B 148 -18.30 -32.16 -10.48
CA ARG B 148 -17.01 -31.65 -10.04
C ARG B 148 -17.20 -30.34 -9.29
N SER B 149 -16.21 -29.99 -8.48
CA SER B 149 -16.28 -28.78 -7.69
C SER B 149 -16.23 -27.54 -8.60
N ALA B 150 -16.98 -26.52 -8.21
CA ALA B 150 -16.91 -25.23 -8.89
C ALA B 150 -15.71 -24.41 -8.43
N GLY B 151 -15.00 -24.87 -7.40
CA GLY B 151 -13.89 -24.16 -6.84
C GLY B 151 -14.26 -23.46 -5.55
N GLY B 152 -13.25 -22.83 -4.95
CA GLY B 152 -13.43 -22.12 -3.70
C GLY B 152 -12.20 -21.29 -3.39
N SER B 153 -12.40 -20.27 -2.56
CA SER B 153 -13.66 -20.05 -1.87
C SER B 153 -14.66 -19.23 -2.68
N SER B 154 -14.20 -18.66 -3.78
CA SER B 154 -15.06 -17.85 -4.64
C SER B 154 -15.62 -18.68 -5.79
N GLY B 155 -16.14 -19.87 -5.47
CA GLY B 155 -16.58 -20.78 -6.51
C GLY B 155 -17.87 -20.34 -7.17
N GLY B 156 -18.84 -19.90 -6.36
CA GLY B 156 -20.08 -19.39 -6.91
C GLY B 156 -19.87 -18.24 -7.88
N ALA B 157 -18.83 -17.43 -7.66
CA ALA B 157 -18.53 -16.34 -8.55
C ALA B 157 -18.07 -16.84 -9.92
N ALA B 158 -17.14 -17.80 -9.91
CA ALA B 158 -16.62 -18.33 -11.17
C ALA B 158 -17.69 -19.13 -11.92
N ALA B 159 -18.58 -19.80 -11.19
CA ALA B 159 -19.62 -20.59 -11.83
C ALA B 159 -20.66 -19.69 -12.48
N ALA B 160 -21.05 -18.61 -11.81
CA ALA B 160 -21.98 -17.66 -12.40
C ALA B 160 -21.40 -17.03 -13.66
N LEU B 161 -20.10 -16.74 -13.65
CA LEU B 161 -19.46 -16.16 -14.82
C LEU B 161 -19.39 -17.18 -15.96
N ALA B 162 -19.00 -18.42 -15.65
CA ALA B 162 -18.85 -19.43 -16.69
C ALA B 162 -20.18 -19.80 -17.32
N ALA B 163 -21.27 -19.73 -16.55
CA ALA B 163 -22.59 -20.01 -17.09
C ALA B 163 -23.22 -18.81 -17.79
N GLY B 164 -22.55 -17.66 -17.78
CA GLY B 164 -23.04 -16.49 -18.49
C GLY B 164 -24.12 -15.71 -17.77
N MET B 165 -24.30 -15.93 -16.46
CA MET B 165 -25.36 -15.26 -15.73
C MET B 165 -25.08 -13.77 -15.60
N VAL B 166 -23.90 -13.43 -15.07
CA VAL B 166 -23.51 -12.04 -14.88
C VAL B 166 -22.15 -11.84 -15.54
N PRO B 167 -21.84 -10.65 -16.06
CA PRO B 167 -20.55 -10.45 -16.74
C PRO B 167 -19.40 -10.10 -15.81
N LEU B 168 -19.65 -9.81 -14.54
CA LEU B 168 -18.60 -9.36 -13.64
C LEU B 168 -18.81 -9.93 -12.25
N GLU B 169 -17.71 -10.17 -11.55
CA GLU B 169 -17.74 -10.67 -10.18
C GLU B 169 -16.48 -10.20 -9.48
N TYR B 170 -16.44 -10.42 -8.16
CA TYR B 170 -15.30 -10.00 -7.35
C TYR B 170 -15.14 -10.98 -6.20
N GLY B 171 -13.92 -11.46 -5.98
CA GLY B 171 -13.68 -12.44 -4.94
C GLY B 171 -12.50 -12.11 -4.04
N SER B 172 -12.14 -13.07 -3.19
CA SER B 172 -11.01 -12.92 -2.28
C SER B 172 -10.08 -14.12 -2.44
N ASP B 173 -8.82 -13.93 -2.04
CA ASP B 173 -7.79 -14.94 -2.27
C ASP B 173 -6.79 -14.88 -1.13
N ILE B 174 -6.73 -15.95 -0.34
CA ILE B 174 -5.68 -16.12 0.66
C ILE B 174 -4.92 -17.42 0.45
N GLY B 175 -5.43 -18.31 -0.40
CA GLY B 175 -4.76 -19.55 -0.71
C GLY B 175 -5.22 -20.05 -2.07
N GLY B 176 -5.38 -19.13 -3.00
CA GLY B 176 -5.84 -19.44 -4.34
C GLY B 176 -7.34 -19.27 -4.54
N SER B 177 -8.06 -18.74 -3.55
CA SER B 177 -9.51 -18.66 -3.57
C SER B 177 -10.07 -17.79 -4.69
N ILE B 178 -9.19 -17.19 -5.50
CA ILE B 178 -9.60 -16.52 -6.72
C ILE B 178 -9.11 -17.28 -7.96
N ARG B 179 -7.88 -17.78 -7.91
CA ARG B 179 -7.28 -18.44 -9.06
C ARG B 179 -7.84 -19.85 -9.25
N VAL B 180 -7.99 -20.60 -8.15
CA VAL B 180 -8.54 -21.95 -8.26
C VAL B 180 -9.97 -21.96 -8.78
N PRO B 181 -10.90 -21.16 -8.25
CA PRO B 181 -12.26 -21.17 -8.82
C PRO B 181 -12.30 -20.79 -10.29
N ALA B 182 -11.52 -19.78 -10.69
CA ALA B 182 -11.47 -19.40 -12.10
C ALA B 182 -10.81 -20.49 -12.94
N HIS B 183 -9.85 -21.21 -12.36
CA HIS B 183 -9.23 -22.34 -13.04
C HIS B 183 -10.23 -23.46 -13.27
N PHE B 184 -11.04 -23.78 -12.25
CA PHE B 184 -11.98 -24.89 -12.36
C PHE B 184 -13.11 -24.59 -13.35
N CYS B 185 -13.51 -23.33 -13.45
CA CYS B 185 -14.64 -22.94 -14.30
C CYS B 185 -14.21 -22.28 -15.61
N GLY B 186 -12.92 -22.15 -15.87
CA GLY B 186 -12.45 -21.59 -17.12
C GLY B 186 -12.86 -20.15 -17.35
N VAL B 187 -12.66 -19.30 -16.35
CA VAL B 187 -12.94 -17.88 -16.44
C VAL B 187 -11.68 -17.11 -16.04
N TRP B 188 -11.81 -15.78 -16.00
CA TRP B 188 -10.69 -14.90 -15.73
C TRP B 188 -10.75 -14.42 -14.29
N GLY B 189 -9.64 -14.58 -13.56
CA GLY B 189 -9.55 -14.13 -12.19
C GLY B 189 -8.20 -13.53 -11.85
N LEU B 190 -8.18 -12.37 -11.23
CA LEU B 190 -6.95 -11.65 -10.90
C LEU B 190 -6.75 -11.63 -9.39
N LYS B 191 -5.75 -12.36 -8.92
CA LYS B 191 -5.23 -12.18 -7.57
C LYS B 191 -4.38 -10.92 -7.59
N THR B 192 -4.81 -9.88 -6.87
CA THR B 192 -4.15 -8.59 -6.96
C THR B 192 -2.93 -8.53 -6.04
N THR B 193 -2.15 -7.46 -6.21
CA THR B 193 -1.03 -7.20 -5.32
C THR B 193 -1.55 -6.98 -3.90
N PHE B 194 -0.75 -7.41 -2.93
CA PHE B 194 -1.17 -7.31 -1.54
C PHE B 194 -1.27 -5.84 -1.12
N ASP B 195 -2.37 -5.50 -0.45
CA ASP B 195 -2.65 -4.17 0.07
C ASP B 195 -2.95 -3.16 -1.02
N ALA B 196 -3.23 -3.61 -2.23
CA ALA B 196 -3.55 -2.69 -3.33
C ALA B 196 -5.02 -2.36 -3.41
N VAL B 197 -5.90 -3.29 -2.99
CA VAL B 197 -7.33 -3.06 -2.92
C VAL B 197 -7.76 -3.27 -1.47
N SER B 198 -8.65 -2.41 -1.00
CA SER B 198 -9.08 -2.45 0.40
C SER B 198 -10.04 -3.61 0.65
N LEU B 199 -9.87 -4.27 1.81
CA LEU B 199 -10.75 -5.33 2.24
C LEU B 199 -11.82 -4.83 3.20
N GLU B 200 -12.05 -3.52 3.23
CA GLU B 200 -13.09 -2.95 4.08
C GLU B 200 -14.46 -3.43 3.61
N GLY B 201 -15.18 -4.13 4.50
CA GLY B 201 -16.44 -4.75 4.18
C GLY B 201 -16.33 -6.24 3.99
N HIS B 202 -15.16 -6.73 3.59
CA HIS B 202 -14.88 -8.17 3.57
C HIS B 202 -14.56 -8.63 5.00
N TYR B 203 -15.51 -8.35 5.88
CA TYR B 203 -15.35 -8.59 7.31
C TYR B 203 -15.80 -10.00 7.65
N PHE B 204 -15.15 -10.58 8.64
CA PHE B 204 -15.71 -11.77 9.26
C PHE B 204 -17.10 -11.43 9.81
N PRO B 205 -18.07 -12.32 9.68
CA PRO B 205 -19.45 -11.97 10.07
C PRO B 205 -19.51 -11.44 11.50
N ARG B 206 -20.24 -10.33 11.65
CA ARG B 206 -20.51 -9.68 12.93
C ARG B 206 -19.29 -9.02 13.55
N THR B 207 -18.29 -8.69 12.74
CA THR B 207 -17.12 -7.95 13.20
C THR B 207 -16.81 -6.87 12.17
N ASP B 208 -15.77 -6.10 12.45
CA ASP B 208 -15.19 -5.17 11.49
C ASP B 208 -13.76 -5.55 11.16
N SER B 209 -13.39 -6.80 11.39
CA SER B 209 -12.04 -7.29 11.20
C SER B 209 -11.89 -7.86 9.80
N ALA B 210 -10.94 -7.32 9.04
CA ALA B 210 -10.54 -7.88 7.76
C ALA B 210 -9.09 -8.33 7.86
N LYS B 211 -8.75 -9.37 7.09
CA LYS B 211 -7.39 -9.89 7.14
C LYS B 211 -6.41 -8.81 6.71
N ALA B 212 -5.34 -8.63 7.49
CA ALA B 212 -4.32 -7.62 7.21
C ALA B 212 -3.05 -8.26 6.68
N ASP B 213 -3.08 -9.55 6.37
CA ASP B 213 -1.90 -10.26 5.88
C ASP B 213 -2.35 -11.32 4.87
N LEU B 214 -1.53 -11.47 3.82
CA LEU B 214 -1.69 -12.53 2.82
C LEU B 214 -2.91 -12.34 1.92
N SER B 215 -4.05 -11.99 2.50
CA SER B 215 -5.31 -12.00 1.76
C SER B 215 -5.44 -10.78 0.86
N VAL B 216 -6.00 -11.00 -0.33
CA VAL B 216 -6.25 -9.95 -1.31
C VAL B 216 -7.63 -10.17 -1.92
N VAL B 217 -8.21 -9.08 -2.41
CA VAL B 217 -9.47 -9.13 -3.16
C VAL B 217 -9.21 -8.63 -4.56
N GLY B 218 -9.86 -9.26 -5.54
CA GLY B 218 -9.63 -8.93 -6.93
C GLY B 218 -10.80 -9.23 -7.84
N PRO B 219 -10.76 -8.69 -9.05
CA PRO B 219 -11.88 -8.86 -9.99
C PRO B 219 -11.88 -10.23 -10.66
N MET B 220 -13.08 -10.65 -11.05
CA MET B 220 -13.29 -11.86 -11.83
C MET B 220 -14.24 -11.55 -12.99
N ALA B 221 -13.90 -12.02 -14.18
CA ALA B 221 -14.72 -11.74 -15.34
C ALA B 221 -14.48 -12.84 -16.38
N ARG B 222 -14.92 -12.58 -17.62
CA ARG B 222 -14.67 -13.45 -18.74
C ARG B 222 -13.77 -12.82 -19.81
N THR B 223 -13.47 -11.54 -19.68
CA THR B 223 -12.56 -10.84 -20.57
C THR B 223 -11.49 -10.15 -19.74
N PRO B 224 -10.25 -10.11 -20.22
CA PRO B 224 -9.20 -9.37 -19.49
C PRO B 224 -9.50 -7.88 -19.37
N ALA B 225 -10.20 -7.30 -20.35
CA ALA B 225 -10.50 -5.87 -20.29
C ALA B 225 -11.47 -5.54 -19.16
N ASP B 226 -12.42 -6.45 -18.87
CA ASP B 226 -13.31 -6.23 -17.74
C ASP B 226 -12.56 -6.28 -16.43
N LEU B 227 -11.52 -7.12 -16.35
CA LEU B 227 -10.70 -7.18 -15.15
C LEU B 227 -9.99 -5.85 -14.89
N ALA B 228 -9.49 -5.23 -15.96
CA ALA B 228 -8.73 -4.00 -15.80
C ALA B 228 -9.61 -2.84 -15.36
N LEU B 229 -10.84 -2.78 -15.88
CA LEU B 229 -11.74 -1.71 -15.48
C LEU B 229 -12.13 -1.85 -14.02
N ALA B 230 -12.45 -3.06 -13.57
CA ALA B 230 -12.84 -3.25 -12.17
C ALA B 230 -11.67 -2.97 -11.23
N LEU B 231 -10.45 -3.31 -11.67
CA LEU B 231 -9.27 -2.98 -10.87
C LEU B 231 -9.09 -1.47 -10.73
N ASP B 232 -9.29 -0.74 -11.83
CA ASP B 232 -9.17 0.71 -11.78
C ASP B 232 -10.26 1.34 -10.92
N ILE B 233 -11.41 0.65 -10.78
CA ILE B 233 -12.51 1.18 -10.00
C ILE B 233 -12.34 0.92 -8.51
N THR B 234 -11.68 -0.17 -8.14
CA THR B 234 -11.65 -0.62 -6.76
C THR B 234 -10.32 -0.41 -6.05
N SER B 235 -9.22 -0.22 -6.78
CA SER B 235 -7.92 -0.07 -6.16
C SER B 235 -7.87 1.19 -5.30
N LYS B 236 -7.03 1.16 -4.26
CA LYS B 236 -6.87 2.31 -3.38
C LYS B 236 -6.45 3.55 -4.15
N VAL B 237 -5.51 3.40 -5.07
CA VAL B 237 -5.07 4.48 -5.95
C VAL B 237 -5.03 3.92 -7.37
N PRO B 238 -5.17 4.76 -8.40
CA PRO B 238 -4.95 4.28 -9.76
C PRO B 238 -3.59 3.60 -9.91
N LEU B 239 -3.60 2.33 -10.29
CA LEU B 239 -2.38 1.54 -10.37
C LEU B 239 -1.70 1.74 -11.72
N PRO B 240 -0.40 1.45 -11.81
CA PRO B 240 0.32 1.68 -13.06
C PRO B 240 -0.26 0.88 -14.21
N GLN B 241 -0.60 1.57 -15.29
CA GLN B 241 -1.11 0.89 -16.47
C GLN B 241 0.03 0.20 -17.23
N SER B 242 -0.34 -0.81 -17.99
CA SER B 242 0.64 -1.60 -18.72
C SER B 242 1.05 -0.90 -20.01
N ARG B 243 2.33 -1.00 -20.34
CA ARG B 243 2.85 -0.48 -21.60
C ARG B 243 3.27 -1.60 -22.54
N ILE B 244 2.99 -2.85 -22.18
CA ILE B 244 3.33 -4.00 -23.02
C ILE B 244 2.37 -4.05 -24.20
N ALA B 245 2.91 -3.97 -25.42
CA ALA B 245 2.10 -3.96 -26.62
C ALA B 245 2.04 -5.32 -27.32
N ASN B 246 3.06 -6.16 -27.15
CA ASN B 246 3.06 -7.50 -27.70
C ASN B 246 3.98 -8.38 -26.86
N LEU B 247 4.03 -9.66 -27.22
CA LEU B 247 4.85 -10.62 -26.49
C LEU B 247 6.31 -10.59 -26.92
N SER B 248 6.66 -9.84 -27.96
CA SER B 248 8.04 -9.80 -28.42
C SER B 248 8.93 -9.12 -27.39
N GLY B 249 10.02 -9.77 -27.03
CA GLY B 249 10.94 -9.25 -26.04
C GLY B 249 10.58 -9.59 -24.61
N LEU B 250 9.42 -10.19 -24.38
CA LEU B 250 9.00 -10.52 -23.02
C LEU B 250 9.85 -11.65 -22.46
N ARG B 251 10.22 -11.53 -21.20
CA ARG B 251 11.04 -12.53 -20.52
C ARG B 251 10.14 -13.36 -19.61
N ILE B 252 9.97 -14.63 -19.95
CA ILE B 252 9.03 -15.51 -19.26
C ILE B 252 9.80 -16.64 -18.61
N LEU B 253 9.53 -16.88 -17.33
CA LEU B 253 10.07 -18.03 -16.61
C LEU B 253 8.98 -19.09 -16.55
N LEU B 254 9.18 -20.18 -17.28
CA LEU B 254 8.21 -21.27 -17.34
C LEU B 254 8.50 -22.28 -16.25
N LEU B 255 7.50 -22.55 -15.41
CA LEU B 255 7.62 -23.51 -14.31
C LEU B 255 6.50 -24.52 -14.41
N THR B 256 6.85 -25.77 -14.69
CA THR B 256 5.88 -26.85 -14.75
C THR B 256 6.10 -27.88 -13.64
N ALA B 257 6.96 -27.59 -12.67
CA ALA B 257 7.25 -28.51 -11.58
C ALA B 257 7.49 -27.71 -10.31
N HIS B 258 7.31 -28.39 -9.18
CA HIS B 258 7.44 -27.78 -7.86
C HIS B 258 8.08 -28.82 -6.94
N PRO B 259 8.99 -28.39 -6.06
CA PRO B 259 9.66 -29.36 -5.18
C PRO B 259 8.74 -30.10 -4.22
N GLU B 260 7.53 -29.59 -3.99
CA GLU B 260 6.63 -30.16 -2.98
C GLU B 260 5.29 -30.60 -3.53
N THR B 261 5.01 -30.42 -4.82
CA THR B 261 3.75 -30.88 -5.39
C THR B 261 3.98 -31.26 -6.85
N VAL B 262 2.89 -31.61 -7.55
CA VAL B 262 2.95 -32.15 -8.90
C VAL B 262 1.86 -31.49 -9.76
N ALA B 263 1.92 -31.76 -11.06
CA ALA B 263 0.94 -31.25 -12.02
C ALA B 263 0.60 -32.34 -13.02
N ASP B 264 -0.62 -32.25 -13.57
CA ASP B 264 -1.03 -33.17 -14.63
C ASP B 264 -0.12 -33.04 -15.85
N SER B 265 -0.03 -34.12 -16.62
CA SER B 265 0.67 -34.05 -17.90
C SER B 265 -0.08 -33.15 -18.87
N ALA B 266 -1.41 -33.22 -18.86
CA ALA B 266 -2.21 -32.31 -19.68
C ALA B 266 -2.08 -30.87 -19.18
N THR B 267 -1.94 -30.68 -17.87
CA THR B 267 -1.66 -29.36 -17.33
C THR B 267 -0.27 -28.88 -17.74
N ILE B 268 0.73 -29.77 -17.66
CA ILE B 268 2.09 -29.39 -18.01
C ILE B 268 2.18 -29.02 -19.49
N SER B 269 1.47 -29.75 -20.35
CA SER B 269 1.50 -29.44 -21.77
C SER B 269 0.70 -28.19 -22.10
N ALA B 270 -0.30 -27.86 -21.26
CA ALA B 270 -1.09 -26.66 -21.51
C ALA B 270 -0.30 -25.40 -21.18
N VAL B 271 0.40 -25.41 -20.04
CA VAL B 271 1.25 -24.27 -19.70
C VAL B 271 2.43 -24.18 -20.66
N GLU B 272 2.98 -25.34 -21.05
CA GLU B 272 4.06 -25.33 -22.04
C GLU B 272 3.58 -24.84 -23.40
N ARG B 273 2.30 -25.08 -23.72
CA ARG B 273 1.77 -24.60 -25.00
C ARG B 273 1.58 -23.09 -24.98
N ALA B 274 1.22 -22.53 -23.82
CA ALA B 274 1.11 -21.07 -23.71
C ALA B 274 2.49 -20.42 -23.81
N ALA B 275 3.50 -21.03 -23.18
CA ALA B 275 4.85 -20.49 -23.27
C ALA B 275 5.38 -20.58 -24.69
N ALA B 276 5.11 -21.69 -25.38
CA ALA B 276 5.59 -21.85 -26.75
C ALA B 276 4.93 -20.86 -27.69
N ALA B 277 3.65 -20.55 -27.45
CA ALA B 277 2.97 -19.56 -28.26
C ALA B 277 3.57 -18.18 -28.10
N CYS B 278 4.19 -17.90 -26.95
CA CYS B 278 4.84 -16.62 -26.74
C CYS B 278 6.20 -16.56 -27.42
N GLU B 279 6.92 -17.69 -27.46
CA GLU B 279 8.19 -17.73 -28.17
C GLU B 279 7.99 -17.45 -29.65
N ALA B 280 6.93 -18.02 -30.23
CA ALA B 280 6.63 -17.77 -31.63
C ALA B 280 6.17 -16.34 -31.87
N SER B 281 5.77 -15.64 -30.81
CA SER B 281 5.38 -14.24 -30.91
C SER B 281 6.52 -13.29 -30.55
N GLY B 282 7.72 -13.83 -30.32
CA GLY B 282 8.90 -13.02 -30.08
C GLY B 282 9.41 -13.02 -28.65
N ALA B 283 8.83 -13.82 -27.77
CA ALA B 283 9.24 -13.82 -26.37
C ALA B 283 10.37 -14.80 -26.14
N THR B 284 11.07 -14.61 -25.02
CA THR B 284 12.10 -15.52 -24.56
C THR B 284 11.58 -16.26 -23.34
N VAL B 285 11.69 -17.58 -23.35
CA VAL B 285 11.16 -18.43 -22.29
C VAL B 285 12.32 -19.24 -21.70
N ALA B 286 12.44 -19.19 -20.38
CA ALA B 286 13.44 -19.96 -19.66
C ALA B 286 12.74 -20.95 -18.74
N THR B 287 13.41 -22.06 -18.47
CA THR B 287 12.87 -23.12 -17.63
C THR B 287 13.53 -23.16 -16.25
N SER B 288 14.53 -22.31 -16.01
CA SER B 288 15.22 -22.25 -14.74
C SER B 288 15.80 -20.87 -14.56
N SER B 289 16.05 -20.51 -13.29
CA SER B 289 16.66 -19.23 -12.99
C SER B 289 17.45 -19.41 -11.70
N PRO B 290 18.72 -18.97 -11.66
CA PRO B 290 19.46 -19.00 -10.40
C PRO B 290 18.89 -18.05 -9.36
N ASP B 291 17.97 -17.18 -9.74
CA ASP B 291 17.38 -16.20 -8.85
C ASP B 291 15.97 -16.59 -8.42
N LEU B 292 15.51 -17.78 -8.78
CA LEU B 292 14.23 -18.27 -8.30
C LEU B 292 14.35 -18.69 -6.85
N PRO B 293 13.54 -18.15 -5.95
CA PRO B 293 13.67 -18.49 -4.53
C PRO B 293 13.35 -19.95 -4.27
N ASP B 294 13.77 -20.41 -3.09
CA ASP B 294 13.48 -21.78 -2.65
C ASP B 294 11.98 -21.92 -2.46
N LEU B 295 11.31 -22.55 -3.43
CA LEU B 295 9.87 -22.71 -3.35
C LEU B 295 9.48 -23.68 -2.24
N SER B 296 10.37 -24.62 -1.90
CA SER B 296 10.07 -25.56 -0.82
C SER B 296 10.09 -24.88 0.53
N ALA B 297 10.95 -23.87 0.71
CA ALA B 297 10.93 -23.09 1.94
C ALA B 297 9.81 -22.06 1.93
N LEU B 298 9.52 -21.50 0.75
CA LEU B 298 8.42 -20.53 0.63
C LEU B 298 7.11 -21.14 1.12
N VAL B 299 6.74 -22.31 0.59
CA VAL B 299 5.47 -22.92 0.94
C VAL B 299 5.43 -23.27 2.43
N ALA B 300 6.57 -23.69 2.98
CA ALA B 300 6.62 -24.00 4.40
C ALA B 300 6.44 -22.75 5.25
N ASP B 301 7.11 -21.66 4.89
CA ASP B 301 6.95 -20.42 5.64
C ASP B 301 5.60 -19.79 5.40
N TYR B 302 5.04 -19.97 4.20
CA TYR B 302 3.70 -19.45 3.90
C TYR B 302 2.63 -20.23 4.66
N THR B 303 2.76 -21.56 4.72
CA THR B 303 1.76 -22.37 5.42
C THR B 303 1.75 -22.05 6.91
N ARG B 304 2.93 -21.87 7.51
CA ARG B 304 3.00 -21.55 8.93
C ARG B 304 2.38 -20.18 9.22
N MET B 305 2.49 -19.24 8.28
CA MET B 305 1.88 -17.94 8.45
C MET B 305 0.38 -17.98 8.16
N LEU B 306 -0.01 -18.72 7.13
CA LEU B 306 -1.43 -18.85 6.80
C LEU B 306 -2.22 -19.40 7.98
N LEU B 307 -1.70 -20.44 8.62
CA LEU B 307 -2.39 -21.05 9.75
C LEU B 307 -2.51 -20.08 10.92
N VAL B 308 -1.50 -19.22 11.10
CA VAL B 308 -1.54 -18.25 12.20
C VAL B 308 -2.54 -17.14 11.90
N VAL B 309 -2.56 -16.65 10.66
CA VAL B 309 -3.52 -15.61 10.28
C VAL B 309 -4.94 -16.13 10.40
N LEU B 310 -5.19 -17.35 9.94
CA LEU B 310 -6.53 -17.92 10.00
C LEU B 310 -6.95 -18.25 11.43
N ALA B 311 -5.99 -18.46 12.33
CA ALA B 311 -6.28 -18.74 13.72
C ALA B 311 -6.23 -17.51 14.60
N ARG B 312 -5.90 -16.35 14.04
CA ARG B 312 -5.79 -15.10 14.79
C ARG B 312 -4.81 -15.23 15.96
N GLY B 313 -3.71 -15.95 15.73
CA GLY B 313 -2.67 -16.09 16.73
C GLY B 313 -2.99 -17.03 17.85
N LEU B 314 -4.17 -17.63 17.87
CA LEU B 314 -4.56 -18.53 18.95
C LEU B 314 -4.03 -19.93 18.71
N ALA B 315 -3.83 -20.67 19.80
CA ALA B 315 -3.26 -22.00 19.73
C ALA B 315 -4.17 -23.00 20.43
N PRO B 316 -4.15 -24.26 20.00
CA PRO B 316 -4.93 -25.29 20.70
C PRO B 316 -4.51 -25.39 22.16
N GLU B 317 -5.43 -25.85 22.99
CA GLU B 317 -5.14 -25.98 24.41
C GLU B 317 -3.94 -26.91 24.62
N GLY B 318 -2.99 -26.45 25.43
CA GLY B 318 -1.73 -27.14 25.62
C GLY B 318 -0.62 -26.64 24.71
N THR B 319 -0.97 -26.34 23.45
CA THR B 319 0.00 -25.81 22.51
C THR B 319 0.35 -24.36 22.85
N GLU B 320 1.62 -24.01 22.75
CA GLU B 320 2.08 -22.66 23.04
C GLU B 320 1.79 -21.75 21.85
N PRO B 321 1.22 -20.57 22.08
CA PRO B 321 0.95 -19.66 20.96
C PRO B 321 2.23 -19.08 20.39
N VAL B 322 2.12 -18.56 19.17
CA VAL B 322 3.22 -17.83 18.56
C VAL B 322 3.31 -16.45 19.21
N SER B 323 4.52 -16.04 19.59
CA SER B 323 4.65 -14.77 20.28
C SER B 323 4.64 -13.62 19.27
N LEU B 324 4.28 -12.44 19.78
CA LEU B 324 4.31 -11.25 18.93
C LEU B 324 5.71 -10.98 18.39
N ASN B 325 6.73 -11.25 19.20
CA ASN B 325 8.11 -11.12 18.73
C ASN B 325 8.39 -12.10 17.59
N ALA B 326 7.94 -13.35 17.74
CA ALA B 326 8.14 -14.33 16.68
C ALA B 326 7.33 -13.98 15.44
N TRP B 327 6.15 -13.39 15.62
CA TRP B 327 5.36 -12.95 14.48
C TRP B 327 6.07 -11.85 13.71
N TYR B 328 6.62 -10.86 14.41
CA TYR B 328 7.39 -9.82 13.76
C TYR B 328 8.56 -10.40 12.97
N ALA B 329 9.15 -11.47 13.46
CA ALA B 329 10.23 -12.12 12.73
C ALA B 329 9.71 -12.83 11.48
N MET B 330 8.49 -13.37 11.55
CA MET B 330 7.90 -14.00 10.37
C MET B 330 7.61 -12.98 9.29
N LEU B 331 7.23 -11.75 9.67
CA LEU B 331 7.02 -10.70 8.68
C LEU B 331 8.34 -10.31 8.03
N ASP B 332 9.43 -10.26 8.80
CA ASP B 332 10.74 -10.01 8.22
C ASP B 332 11.18 -11.15 7.32
N ASP B 333 10.79 -12.38 7.65
CA ASP B 333 11.08 -13.50 6.76
C ASP B 333 10.28 -13.38 5.46
N GLN B 334 9.06 -12.85 5.55
CA GLN B 334 8.25 -12.64 4.36
C GLN B 334 8.85 -11.56 3.47
N ALA B 335 9.28 -10.44 4.07
CA ALA B 335 9.85 -9.35 3.29
C ALA B 335 11.16 -9.76 2.62
N ARG B 336 11.93 -10.65 3.28
CA ARG B 336 13.15 -11.15 2.66
C ARG B 336 12.83 -11.94 1.39
N MET B 337 11.73 -12.71 1.41
CA MET B 337 11.32 -13.45 0.22
C MET B 337 10.79 -12.50 -0.84
N MET B 338 10.10 -11.43 -0.43
CA MET B 338 9.59 -10.46 -1.38
C MET B 338 10.72 -9.79 -2.15
N ARG B 339 11.83 -9.49 -1.46
CA ARG B 339 12.97 -8.90 -2.15
C ARG B 339 13.68 -9.92 -3.02
N ALA B 340 13.63 -11.20 -2.64
CA ALA B 340 14.17 -12.25 -3.50
C ALA B 340 13.42 -12.34 -4.81
N PHE B 341 12.12 -12.04 -4.79
CA PHE B 341 11.35 -12.00 -6.03
C PHE B 341 11.57 -10.70 -6.79
N ASP B 342 11.90 -9.62 -6.09
CA ASP B 342 12.29 -8.38 -6.76
C ASP B 342 13.51 -8.60 -7.64
N ARG B 343 14.44 -9.45 -7.19
CA ARG B 343 15.62 -9.75 -7.99
C ARG B 343 15.28 -10.71 -9.13
N LEU B 344 14.39 -11.67 -8.87
CA LEU B 344 13.94 -12.57 -9.94
C LEU B 344 13.26 -11.79 -11.06
N PHE B 345 12.41 -10.83 -10.70
CA PHE B 345 11.67 -10.05 -11.67
C PHE B 345 12.50 -8.93 -12.31
N GLU B 346 13.80 -8.89 -12.03
CA GLU B 346 14.71 -8.04 -12.78
C GLU B 346 15.20 -8.70 -14.05
N SER B 347 15.14 -10.03 -14.11
CA SER B 347 15.51 -10.80 -15.29
C SER B 347 14.31 -11.39 -16.02
N PHE B 348 13.12 -11.32 -15.43
CA PHE B 348 11.92 -11.88 -16.04
C PHE B 348 10.76 -10.90 -15.89
N ASP B 349 9.90 -10.88 -16.91
CA ASP B 349 8.69 -10.08 -16.87
C ASP B 349 7.51 -10.82 -16.26
N ALA B 350 7.50 -12.15 -16.30
CA ALA B 350 6.38 -12.92 -15.80
C ALA B 350 6.79 -14.37 -15.59
N ILE B 351 6.07 -15.04 -14.69
CA ILE B 351 6.22 -16.47 -14.44
C ILE B 351 4.99 -17.17 -14.99
N PHE B 352 5.21 -18.19 -15.82
CA PHE B 352 4.14 -19.04 -16.31
C PHE B 352 4.20 -20.37 -15.57
N CYS B 353 3.13 -20.69 -14.85
CA CYS B 353 3.08 -21.92 -14.06
C CYS B 353 1.62 -22.32 -13.90
N PRO B 354 1.36 -23.55 -13.49
CA PRO B 354 -0.02 -23.99 -13.26
C PRO B 354 -0.68 -23.25 -12.11
N VAL B 355 -1.99 -23.05 -12.25
CA VAL B 355 -2.78 -22.57 -11.10
C VAL B 355 -2.89 -23.67 -10.05
N LEU B 356 -3.28 -24.87 -10.48
CA LEU B 356 -3.29 -26.05 -9.62
C LEU B 356 -2.82 -27.23 -10.46
N GLY B 357 -2.50 -28.33 -9.76
CA GLY B 357 -1.89 -29.47 -10.43
C GLY B 357 -2.84 -30.27 -11.31
N THR B 358 -4.15 -30.15 -11.09
CA THR B 358 -5.12 -30.88 -11.88
C THR B 358 -6.36 -30.01 -12.06
N THR B 359 -7.34 -30.54 -12.79
CA THR B 359 -8.57 -29.85 -13.08
C THR B 359 -9.54 -30.01 -11.90
N ALA B 360 -10.78 -29.55 -12.09
CA ALA B 360 -11.79 -29.60 -11.04
C ALA B 360 -11.99 -31.02 -10.53
N PHE B 361 -11.85 -31.20 -9.22
CA PHE B 361 -12.01 -32.51 -8.62
C PHE B 361 -13.48 -32.77 -8.31
N ALA B 362 -13.79 -34.03 -8.02
CA ALA B 362 -15.15 -34.42 -7.70
C ALA B 362 -15.51 -33.95 -6.30
N HIS B 363 -16.80 -33.66 -6.08
CA HIS B 363 -17.28 -33.17 -4.80
C HIS B 363 -16.78 -34.05 -3.66
N SER B 364 -16.21 -33.42 -2.64
CA SER B 364 -15.63 -34.13 -1.52
C SER B 364 -16.37 -33.78 -0.23
N ASP B 365 -16.60 -34.80 0.60
CA ASP B 365 -17.23 -34.62 1.90
C ASP B 365 -16.24 -34.76 3.04
N GLU B 366 -14.94 -34.85 2.74
CA GLU B 366 -13.91 -34.94 3.77
C GLU B 366 -13.50 -33.55 4.19
N PRO B 367 -13.79 -33.11 5.42
CA PRO B 367 -13.41 -31.75 5.81
C PRO B 367 -11.91 -31.58 5.96
N ASP B 368 -11.18 -32.64 6.29
CA ASP B 368 -9.75 -32.56 6.55
C ASP B 368 -9.00 -32.67 5.22
N TRP B 369 -8.24 -31.63 4.88
CA TRP B 369 -7.44 -31.68 3.66
C TRP B 369 -6.34 -32.73 3.74
N ALA B 370 -5.92 -33.10 4.96
CA ALA B 370 -4.90 -34.12 5.10
C ALA B 370 -5.43 -35.51 4.78
N LYS B 371 -6.74 -35.70 4.85
CA LYS B 371 -7.38 -36.96 4.47
C LYS B 371 -7.87 -36.93 3.03
N ARG B 372 -7.42 -35.98 2.23
CA ARG B 372 -7.82 -35.86 0.83
C ARG B 372 -6.67 -36.18 -0.10
N SER B 373 -7.03 -36.52 -1.34
CA SER B 373 -6.06 -36.82 -2.38
C SER B 373 -6.64 -36.39 -3.73
N LEU B 374 -5.75 -36.30 -4.72
CA LEU B 374 -6.12 -35.91 -6.06
C LEU B 374 -5.61 -36.93 -7.06
N SER B 375 -6.31 -37.04 -8.20
CA SER B 375 -5.96 -37.98 -9.25
C SER B 375 -5.10 -37.27 -10.28
N ILE B 376 -3.80 -37.56 -10.28
CA ILE B 376 -2.85 -37.01 -11.24
C ILE B 376 -2.43 -38.15 -12.16
N ASP B 377 -2.98 -38.17 -13.38
CA ASP B 377 -2.63 -39.15 -14.40
C ASP B 377 -2.70 -40.59 -13.88
N GLY B 378 -3.80 -40.90 -13.21
CA GLY B 378 -4.02 -42.23 -12.68
C GLY B 378 -3.41 -42.48 -11.32
N GLY B 379 -2.50 -41.61 -10.86
CA GLY B 379 -1.89 -41.76 -9.56
C GLY B 379 -2.53 -40.87 -8.52
N ILE B 380 -2.35 -41.24 -7.26
CA ILE B 380 -2.87 -40.49 -6.13
C ILE B 380 -1.80 -39.53 -5.63
N ALA B 381 -2.15 -38.27 -5.50
CA ALA B 381 -1.25 -37.24 -5.03
C ALA B 381 -1.88 -36.48 -3.87
N PRO B 382 -1.07 -36.02 -2.91
CA PRO B 382 -1.63 -35.29 -1.77
C PRO B 382 -2.38 -34.02 -2.18
N PHE B 383 -3.42 -33.71 -1.41
CA PHE B 383 -4.28 -32.58 -1.70
C PHE B 383 -3.66 -31.27 -1.22
N ALA B 384 -3.23 -31.24 0.04
CA ALA B 384 -2.72 -30.00 0.63
C ALA B 384 -1.39 -29.58 0.03
N ALA B 385 -0.64 -30.51 -0.56
CA ALA B 385 0.64 -30.15 -1.16
C ALA B 385 0.47 -29.23 -2.36
N GLN B 386 -0.71 -29.22 -2.97
CA GLN B 386 -0.97 -28.37 -4.13
C GLN B 386 -0.99 -26.89 -3.78
N LEU B 387 -0.92 -26.54 -2.50
CA LEU B 387 -0.86 -25.14 -2.11
C LEU B 387 0.41 -24.46 -2.62
N GLY B 388 1.41 -25.23 -3.01
CA GLY B 388 2.65 -24.65 -3.51
C GLY B 388 2.51 -23.96 -4.84
N TRP B 389 1.49 -24.32 -5.63
CA TRP B 389 1.29 -23.67 -6.91
C TRP B 389 0.81 -22.23 -6.74
N ILE B 390 0.15 -21.93 -5.63
CA ILE B 390 -0.40 -20.59 -5.36
C ILE B 390 0.37 -19.87 -4.28
N SER B 391 1.39 -20.51 -3.69
CA SER B 391 2.06 -19.93 -2.52
C SER B 391 2.89 -18.71 -2.88
N MET B 392 3.53 -18.72 -4.06
CA MET B 392 4.46 -17.64 -4.41
C MET B 392 3.78 -16.28 -4.43
N ALA B 393 2.62 -16.20 -5.10
CA ALA B 393 1.96 -14.90 -5.26
C ALA B 393 1.37 -14.40 -3.94
N THR B 394 0.78 -15.30 -3.16
CA THR B 394 0.14 -14.88 -1.91
C THR B 394 1.17 -14.46 -0.87
N TYR B 395 2.23 -15.26 -0.70
CA TYR B 395 3.23 -14.96 0.31
C TYR B 395 4.21 -13.89 -0.14
N GLY B 396 4.45 -13.79 -1.44
CA GLY B 396 5.32 -12.76 -1.97
C GLY B 396 4.57 -11.47 -2.25
N GLY B 397 3.24 -11.56 -2.33
CA GLY B 397 2.41 -10.40 -2.57
C GLY B 397 2.19 -10.07 -4.03
N MET B 398 2.81 -10.78 -4.94
CA MET B 398 2.75 -10.43 -6.36
C MET B 398 1.35 -10.68 -6.92
N PRO B 399 0.94 -9.91 -7.93
CA PRO B 399 -0.32 -10.22 -8.61
C PRO B 399 -0.21 -11.49 -9.43
N ALA B 400 -1.29 -12.25 -9.45
CA ALA B 400 -1.33 -13.51 -10.20
C ALA B 400 -2.65 -13.62 -10.93
N LEU B 401 -2.59 -13.82 -12.24
CA LEU B 401 -3.76 -13.95 -13.08
C LEU B 401 -4.03 -15.41 -13.39
N SER B 402 -5.29 -15.82 -13.28
CA SER B 402 -5.75 -17.13 -13.71
C SER B 402 -6.58 -16.92 -14.98
N MET B 403 -6.06 -17.38 -16.12
CA MET B 403 -6.74 -17.17 -17.39
C MET B 403 -6.98 -18.49 -18.10
N PRO B 404 -8.07 -18.59 -18.86
CA PRO B 404 -8.39 -19.83 -19.57
C PRO B 404 -7.31 -20.21 -20.58
N LEU B 405 -6.89 -21.47 -20.52
CA LEU B 405 -5.93 -22.06 -21.45
C LEU B 405 -6.55 -23.11 -22.35
N GLY B 406 -7.39 -23.97 -21.80
CA GLY B 406 -8.05 -25.01 -22.58
C GLY B 406 -8.82 -25.93 -21.65
N ALA B 407 -8.87 -27.20 -22.03
CA ALA B 407 -9.53 -28.21 -21.22
C ALA B 407 -8.74 -29.50 -21.28
N ASP B 408 -8.94 -30.35 -20.27
CA ASP B 408 -8.30 -31.66 -20.24
C ASP B 408 -9.10 -32.61 -21.14
N GLY B 409 -8.77 -33.90 -21.10
CA GLY B 409 -9.46 -34.86 -21.94
C GLY B 409 -10.90 -35.09 -21.54
N ASN B 410 -11.27 -34.74 -20.30
CA ASN B 410 -12.63 -34.90 -19.80
C ASN B 410 -13.45 -33.62 -19.92
N GLY B 411 -12.90 -32.58 -20.55
CA GLY B 411 -13.63 -31.34 -20.76
C GLY B 411 -13.54 -30.34 -19.62
N LEU B 412 -12.73 -30.61 -18.60
CA LEU B 412 -12.62 -29.70 -17.46
C LEU B 412 -11.57 -28.63 -17.74
N PRO B 413 -11.87 -27.36 -17.46
CA PRO B 413 -10.97 -26.27 -17.86
C PRO B 413 -9.60 -26.35 -17.20
N ILE B 414 -8.58 -25.97 -17.96
CA ILE B 414 -7.22 -25.79 -17.46
C ILE B 414 -6.86 -24.32 -17.65
N ASN B 415 -6.43 -23.67 -16.58
CA ASN B 415 -6.05 -22.28 -16.63
C ASN B 415 -4.56 -22.11 -16.40
N LEU B 416 -4.04 -20.97 -16.84
CA LEU B 416 -2.64 -20.60 -16.66
C LEU B 416 -2.52 -19.55 -15.57
N GLN B 417 -1.50 -19.68 -14.73
CA GLN B 417 -1.18 -18.67 -13.74
C GLN B 417 -0.05 -17.81 -14.28
N ILE B 418 -0.32 -16.50 -14.39
CA ILE B 418 0.67 -15.53 -14.83
C ILE B 418 1.02 -14.66 -13.63
N ILE B 419 2.24 -14.80 -13.13
CA ILE B 419 2.73 -14.04 -11.98
C ILE B 419 3.66 -12.94 -12.48
N THR B 420 3.34 -11.70 -12.14
CA THR B 420 4.19 -10.55 -12.45
C THR B 420 4.66 -9.91 -11.15
N ARG B 421 5.49 -8.87 -11.28
CA ARG B 421 6.06 -8.25 -10.09
C ARG B 421 5.00 -7.45 -9.34
N ASN B 422 5.31 -7.13 -8.08
CA ASN B 422 4.38 -6.38 -7.26
C ASN B 422 4.04 -5.05 -7.91
N TRP B 423 2.76 -4.71 -7.88
CA TRP B 423 2.17 -3.47 -8.41
C TRP B 423 2.11 -3.44 -9.93
N SER B 424 2.41 -4.55 -10.59
CA SER B 424 2.27 -4.66 -12.04
C SER B 424 1.02 -5.45 -12.42
N ASP B 425 -0.07 -5.22 -11.68
CA ASP B 425 -1.31 -5.94 -11.93
C ASP B 425 -1.79 -5.77 -13.36
N HIS B 426 -1.63 -4.57 -13.92
CA HIS B 426 -2.07 -4.34 -15.30
C HIS B 426 -1.18 -5.07 -16.30
N ASP B 427 0.09 -5.33 -15.94
CA ASP B 427 0.93 -6.14 -16.81
C ASP B 427 0.49 -7.60 -16.80
N ALA B 428 0.06 -8.10 -15.63
CA ALA B 428 -0.45 -9.46 -15.57
C ALA B 428 -1.70 -9.62 -16.40
N ILE B 429 -2.56 -8.61 -16.41
CA ILE B 429 -3.74 -8.66 -17.26
C ILE B 429 -3.34 -8.52 -18.73
N ARG B 430 -2.38 -7.65 -19.02
CA ARG B 430 -1.97 -7.41 -20.41
C ARG B 430 -1.26 -8.62 -21.00
N ILE B 431 -0.33 -9.20 -20.25
CA ILE B 431 0.33 -10.43 -20.71
C ILE B 431 -0.70 -11.53 -20.91
N GLY B 432 -1.72 -11.58 -20.04
CA GLY B 432 -2.76 -12.58 -20.19
C GLY B 432 -3.59 -12.38 -21.44
N ALA B 433 -3.98 -11.13 -21.72
CA ALA B 433 -4.73 -10.85 -22.94
C ALA B 433 -3.89 -11.15 -24.18
N LEU B 434 -2.57 -10.95 -24.10
CA LEU B 434 -1.71 -11.24 -25.24
C LEU B 434 -1.47 -12.73 -25.41
N VAL B 435 -1.51 -13.49 -24.31
CA VAL B 435 -1.44 -14.95 -24.42
C VAL B 435 -2.67 -15.49 -25.13
N ALA B 436 -3.84 -14.90 -24.86
CA ALA B 436 -5.06 -15.34 -25.52
C ALA B 436 -5.00 -15.08 -27.02
N GLU B 437 -4.50 -13.91 -27.42
CA GLU B 437 -4.37 -13.61 -28.84
C GLU B 437 -3.45 -14.60 -29.55
N ALA B 438 -2.32 -14.94 -28.92
CA ALA B 438 -1.36 -15.83 -29.55
C ALA B 438 -1.92 -17.24 -29.70
N LEU B 439 -2.72 -17.70 -28.72
CA LEU B 439 -3.27 -19.03 -28.77
C LEU B 439 -4.45 -19.16 -29.72
N ASP B 440 -5.06 -18.03 -30.11
CA ASP B 440 -6.13 -18.04 -31.09
C ASP B 440 -5.62 -17.82 -32.51
N ARG B 441 -4.33 -18.05 -32.75
CA ARG B 441 -3.77 -17.96 -34.08
C ARG B 441 -3.15 -19.31 -34.48
C1 GOL C . 12.13 3.30 12.79
O1 GOL C . 11.72 3.23 11.44
C2 GOL C . 11.55 4.55 13.41
O2 GOL C . 12.13 4.73 14.69
C3 GOL C . 11.83 5.75 12.52
O3 GOL C . 11.32 6.89 13.16
C1 GOL D . 10.29 8.87 17.77
O1 GOL D . 9.28 9.73 17.31
C2 GOL D . 9.73 7.96 18.84
O2 GOL D . 10.65 6.92 19.08
C3 GOL D . 9.48 8.76 20.11
O3 GOL D . 9.23 7.83 21.14
C1 GOL E . 27.13 9.48 -4.72
O1 GOL E . 25.84 9.19 -5.21
C2 GOL E . 27.59 8.36 -3.82
O2 GOL E . 26.47 7.83 -3.14
C3 GOL E . 28.31 7.30 -4.63
O3 GOL E . 28.81 6.35 -3.71
S SO4 F . 2.92 21.26 -6.08
O1 SO4 F . 1.79 20.82 -5.19
O2 SO4 F . 2.71 20.74 -7.46
O3 SO4 F . 2.96 22.75 -6.11
O4 SO4 F . 4.21 20.71 -5.53
C1 GOL G . -7.02 -23.06 2.88
O1 GOL G . -7.36 -23.31 4.22
C2 GOL G . -7.98 -22.04 2.32
O2 GOL G . -8.27 -21.10 3.33
C3 GOL G . -7.32 -21.38 1.13
O3 GOL G . -8.21 -20.41 0.64
C1 GOL H . -9.76 -15.08 2.19
O1 GOL H . -10.28 -16.37 1.98
C2 GOL H . -10.43 -14.45 3.39
O2 GOL H . -9.84 -14.99 4.56
C3 GOL H . -10.26 -12.95 3.33
O3 GOL H . -10.65 -12.41 4.57
C1 GOL I . -29.58 -2.72 -3.85
O1 GOL I . -29.46 -2.31 -2.51
C2 GOL I . -28.23 -2.58 -4.53
O2 GOL I . -27.38 -3.62 -4.09
C3 GOL I . -28.38 -2.59 -6.04
O3 GOL I . -27.10 -2.34 -6.60
C1 GOL J . -10.97 -35.64 -1.90
O1 GOL J . -10.25 -35.39 -3.09
C2 GOL J . -10.96 -37.13 -1.62
O2 GOL J . -9.65 -37.52 -1.30
C3 GOL J . -11.93 -37.46 -0.51
O3 GOL J . -13.24 -37.36 -1.03
C1 GOL K . -17.80 -37.09 8.12
O1 GOL K . -17.00 -36.16 8.80
C2 GOL K . -17.10 -37.48 6.84
O2 GOL K . -16.05 -38.37 7.16
C3 GOL K . -18.11 -38.13 5.90
O3 GOL K . -17.38 -38.76 4.87
C1 GOL L . -5.89 -3.54 -20.96
O1 GOL L . -4.79 -4.19 -20.38
C2 GOL L . -6.89 -4.59 -21.42
O2 GOL L . -7.87 -3.96 -22.21
C3 GOL L . -6.18 -5.69 -22.20
O3 GOL L . -7.17 -6.48 -22.81
C1 GOL M . -5.38 -9.32 10.96
O1 GOL M . -6.57 -9.50 11.69
C2 GOL M . -5.04 -10.61 10.22
O2 GOL M . -3.83 -10.43 9.54
C3 GOL M . -4.97 -11.76 11.21
O3 GOL M . -6.27 -12.27 11.38
#